data_6DDA
#
_entry.id   6DDA
#
_cell.length_a   80.586
_cell.length_b   80.586
_cell.length_c   225.805
_cell.angle_alpha   90.00
_cell.angle_beta   90.00
_cell.angle_gamma   120.00
#
_symmetry.space_group_name_H-M   'P 31 2 1'
#
loop_
_entity.id
_entity.type
_entity.pdbx_description
1 polymer 'Nuclear receptor subfamily 4 group A member 2'
2 polymer 'Nuclear receptor subfamily 4 group A member 2'
3 non-polymer 'POTASSIUM ION'
4 non-polymer 5-hydroxy-1,2-dihydro-6H-indol-6-one
5 non-polymer 'BROMIDE ION'
#
loop_
_entity_poly.entity_id
_entity_poly.type
_entity_poly.pdbx_seq_one_letter_code
_entity_poly.pdbx_strand_id
1 'polypeptide(L)'
;SMVKEVVRTDSLKGRRGRLPSKPKSPQEPSPPSPPVSLISALVRAHVDSNPAMTSLDYSRFQANPDYQMSGDDTQHIQQF
YDLLTGSMEIIRGWAEKIPGFADLPKADQDLLFESAFLELFVLRLAYRSNPVEGKLIFCNGVVLHRLQCVRGFGEWIDSI
VEFSSNLQNMNIDISAFSCIAALAMVTERHGLKEPKRVEELQNKIVNCLKDHVTFNNGGLNRPNYLSKLLGKLPELRTLC
TQGLQRIFYLKLEDLVPPPAIIDKLFLDTLPF
;
B,C
2 'polypeptide(L)'
;SMVKEVVRTDSLKGRRGRLPSKPKSPQEPSPPSPPVSLISALVRAHVDSNPAMTSLDYSRFQANPDYQMSGDDTQHIQQF
YDLLTGSMEIIRGWAEKIPGFADLPKADQDLLFESAFLELFVLRLAYRSNPVEGKLIF(OCS)NGVVLHRLQCVRGFGEW
IDSIVEFSSNLQNMNIDISAFSCIAALAMVTERHGLKEPKRVEELQNKIVNCLKDHVTFNNGGLNRPNYLSKLLGKLPEL
RTLCTQGLQRIFYLKLEDLVPPPAIIDKLFLDTLPF
;
A
#
# COMPACT_ATOMS: atom_id res chain seq x y z
N SER A 37 -14.62 5.99 6.70
CA SER A 37 -15.89 6.64 6.49
C SER A 37 -15.67 8.11 6.06
N LEU A 38 -15.10 8.94 6.94
CA LEU A 38 -14.83 10.34 6.61
C LEU A 38 -13.80 10.49 5.50
N ILE A 39 -12.71 9.72 5.52
CA ILE A 39 -11.69 9.91 4.49
C ILE A 39 -12.25 9.52 3.13
N SER A 40 -13.13 8.53 3.06
CA SER A 40 -13.67 8.22 1.76
C SER A 40 -14.48 9.41 1.23
N ALA A 41 -15.30 10.01 2.08
CA ALA A 41 -16.08 11.18 1.68
C ALA A 41 -15.18 12.35 1.29
N LEU A 42 -14.14 12.59 2.07
CA LEU A 42 -13.22 13.68 1.81
C LEU A 42 -12.46 13.48 0.51
N VAL A 43 -12.05 12.24 0.23
CA VAL A 43 -11.32 11.98 -1.01
C VAL A 43 -12.26 12.11 -2.18
N ARG A 44 -13.50 11.66 -2.02
CA ARG A 44 -14.45 11.82 -3.11
C ARG A 44 -14.67 13.31 -3.37
N ALA A 45 -14.76 14.11 -2.30
CA ALA A 45 -14.94 15.55 -2.46
C ALA A 45 -13.79 16.12 -3.27
N HIS A 46 -12.56 15.80 -2.87
CA HIS A 46 -11.37 16.26 -3.57
C HIS A 46 -11.41 15.86 -5.04
N VAL A 47 -11.52 14.55 -5.30
CA VAL A 47 -11.53 14.04 -6.66
C VAL A 47 -12.60 14.74 -7.51
N ASP A 48 -13.81 14.88 -6.97
CA ASP A 48 -14.88 15.53 -7.69
C ASP A 48 -14.64 17.01 -7.92
N SER A 49 -13.79 17.66 -7.11
CA SER A 49 -13.53 19.09 -7.25
C SER A 49 -12.21 19.42 -7.93
N ASN A 50 -11.51 18.44 -8.48
CA ASN A 50 -10.25 18.64 -9.18
C ASN A 50 -10.29 18.15 -10.62
N PRO A 51 -9.51 18.77 -11.50
CA PRO A 51 -9.50 18.38 -12.91
C PRO A 51 -8.76 17.07 -13.14
N ALA A 52 -9.31 16.21 -14.00
CA ALA A 52 -8.59 14.99 -14.28
C ALA A 52 -7.30 15.36 -15.00
N MET A 53 -6.20 14.73 -14.58
CA MET A 53 -4.90 15.06 -15.16
C MET A 53 -4.73 14.59 -16.59
N THR A 54 -5.83 14.46 -17.33
CA THR A 54 -5.75 14.08 -18.72
C THR A 54 -6.48 15.11 -19.57
N SER A 55 -7.21 16.02 -18.94
CA SER A 55 -7.96 17.08 -19.58
C SER A 55 -7.26 18.43 -19.46
N LEU A 56 -5.99 18.40 -19.07
CA LEU A 56 -5.21 19.61 -18.89
C LEU A 56 -5.02 20.24 -20.27
N ASP A 57 -5.53 21.45 -20.44
CA ASP A 57 -5.45 22.18 -21.71
C ASP A 57 -4.20 23.05 -21.73
N TYR A 58 -3.20 22.60 -22.48
CA TYR A 58 -1.94 23.31 -22.64
C TYR A 58 -1.99 24.20 -23.86
N SER A 59 -3.17 24.76 -24.14
CA SER A 59 -3.34 25.63 -25.31
C SER A 59 -2.82 27.02 -24.98
N ARG A 60 -3.20 27.58 -23.83
CA ARG A 60 -2.67 28.90 -23.51
C ARG A 60 -1.34 28.78 -22.80
N PHE A 61 -0.72 27.60 -22.86
CA PHE A 61 0.56 27.40 -22.21
C PHE A 61 1.62 27.96 -23.15
N GLN A 62 2.39 28.92 -22.67
CA GLN A 62 3.44 29.55 -23.44
C GLN A 62 4.68 29.56 -22.57
N ALA A 63 5.77 28.98 -23.04
CA ALA A 63 6.97 28.95 -22.21
C ALA A 63 8.05 29.90 -22.70
N ASN A 64 7.92 30.49 -23.88
CA ASN A 64 8.93 31.44 -24.33
C ASN A 64 8.73 32.74 -23.56
N PRO A 65 9.72 33.23 -22.82
CA PRO A 65 9.50 34.48 -22.07
C PRO A 65 9.22 35.67 -22.96
N ASP A 66 9.99 35.80 -24.06
CA ASP A 66 9.85 36.93 -24.96
C ASP A 66 8.41 37.10 -25.43
N TYR A 67 7.70 35.99 -25.59
CA TYR A 67 6.28 36.01 -25.92
C TYR A 67 5.43 35.98 -24.65
N GLN A 68 5.88 35.22 -23.64
CA GLN A 68 5.20 35.17 -22.35
C GLN A 68 4.80 36.53 -21.83
N MET A 69 5.57 37.57 -22.17
CA MET A 69 5.36 38.86 -21.53
C MET A 69 4.45 39.81 -22.32
N SER A 70 4.74 40.08 -23.60
CA SER A 70 4.14 41.24 -24.24
C SER A 70 2.64 41.05 -24.52
N GLY A 71 1.85 41.03 -23.44
CA GLY A 71 0.42 41.27 -23.48
C GLY A 71 0.09 42.36 -22.47
N ASP A 72 -0.64 43.39 -22.91
CA ASP A 72 -0.95 44.52 -22.03
C ASP A 72 -1.47 44.03 -20.68
N ASP A 73 -1.16 44.80 -19.63
CA ASP A 73 -1.39 44.29 -18.28
C ASP A 73 -2.87 44.09 -17.99
N THR A 74 -3.72 44.98 -18.51
CA THR A 74 -5.17 44.88 -18.31
C THR A 74 -5.68 43.44 -18.42
N GLN A 75 -5.37 42.79 -19.55
CA GLN A 75 -5.77 41.41 -19.82
C GLN A 75 -5.27 40.46 -18.74
N HIS A 76 -4.10 40.71 -18.18
CA HIS A 76 -3.58 39.81 -17.16
C HIS A 76 -4.27 40.06 -15.83
N ILE A 77 -4.59 41.31 -15.52
CA ILE A 77 -5.27 41.52 -14.26
C ILE A 77 -6.65 40.87 -14.33
N GLN A 78 -7.30 40.97 -15.50
CA GLN A 78 -8.61 40.34 -15.65
C GLN A 78 -8.48 38.82 -15.58
N GLN A 79 -7.44 38.26 -16.21
CA GLN A 79 -7.22 36.83 -16.18
C GLN A 79 -7.06 36.38 -14.74
N PHE A 80 -6.39 37.20 -13.95
CA PHE A 80 -6.18 36.95 -12.53
C PHE A 80 -7.53 36.88 -11.79
N TYR A 81 -8.35 37.93 -11.97
CA TYR A 81 -9.67 37.97 -11.33
C TYR A 81 -10.53 36.78 -11.74
N ASP A 82 -10.48 36.40 -13.02
CA ASP A 82 -11.30 35.29 -13.47
C ASP A 82 -10.85 33.99 -12.83
N LEU A 83 -9.53 33.78 -12.75
CA LEU A 83 -9.06 32.55 -12.11
C LEU A 83 -9.54 32.48 -10.68
N LEU A 84 -9.51 33.60 -9.99
CA LEU A 84 -9.96 33.61 -8.61
C LEU A 84 -11.45 33.30 -8.48
N THR A 85 -12.29 33.99 -9.24
CA THR A 85 -13.72 33.69 -9.08
C THR A 85 -14.10 32.29 -9.58
N GLY A 86 -13.41 31.78 -10.61
CA GLY A 86 -13.72 30.45 -11.11
C GLY A 86 -13.38 29.39 -10.08
N SER A 87 -12.36 29.67 -9.27
CA SER A 87 -11.96 28.70 -8.28
C SER A 87 -12.76 28.89 -7.02
N MET A 88 -13.33 30.09 -6.86
CA MET A 88 -14.27 30.33 -5.77
C MET A 88 -15.49 29.45 -5.93
N GLU A 89 -16.06 29.39 -7.14
CA GLU A 89 -17.23 28.51 -7.32
C GLU A 89 -16.85 27.03 -7.20
N ILE A 90 -15.68 26.65 -7.75
CA ILE A 90 -15.26 25.25 -7.69
C ILE A 90 -15.12 24.82 -6.23
N ILE A 91 -14.29 25.53 -5.48
CA ILE A 91 -14.02 25.22 -4.09
C ILE A 91 -15.27 25.31 -3.22
N ARG A 92 -16.23 26.18 -3.55
CA ARG A 92 -17.44 26.16 -2.71
C ARG A 92 -18.20 24.85 -2.94
N GLY A 93 -18.14 24.34 -4.17
CA GLY A 93 -18.82 23.06 -4.43
C GLY A 93 -18.13 21.97 -3.63
N TRP A 94 -16.81 22.05 -3.55
CA TRP A 94 -16.02 21.09 -2.77
C TRP A 94 -16.39 21.15 -1.30
N ALA A 95 -16.46 22.36 -0.75
CA ALA A 95 -16.80 22.58 0.65
C ALA A 95 -18.15 21.97 0.99
N GLU A 96 -19.11 22.02 0.06
CA GLU A 96 -20.45 21.49 0.33
C GLU A 96 -20.48 19.97 0.44
N LYS A 97 -19.46 19.29 -0.06
CA LYS A 97 -19.32 17.84 -0.03
C LYS A 97 -18.62 17.36 1.23
N ILE A 98 -18.32 18.24 2.17
CA ILE A 98 -17.64 17.88 3.41
C ILE A 98 -18.70 17.41 4.41
N PRO A 99 -18.69 16.13 4.81
CA PRO A 99 -19.69 15.63 5.77
C PRO A 99 -19.82 16.51 7.02
N GLY A 100 -21.05 16.95 7.31
CA GLY A 100 -21.34 17.77 8.46
C GLY A 100 -21.38 19.27 8.20
N PHE A 101 -20.59 19.73 7.23
CA PHE A 101 -20.54 21.15 6.90
C PHE A 101 -21.92 21.74 6.64
N ALA A 102 -22.67 21.14 5.72
CA ALA A 102 -24.00 21.63 5.36
C ALA A 102 -24.97 21.66 6.53
N ASP A 103 -24.70 20.93 7.61
CA ASP A 103 -25.61 20.97 8.74
C ASP A 103 -25.39 22.21 9.60
N LEU A 104 -24.32 22.96 9.35
CA LEU A 104 -24.00 24.18 10.09
C LEU A 104 -24.84 25.35 9.61
N PRO A 105 -25.07 26.33 10.48
CA PRO A 105 -25.83 27.52 10.10
C PRO A 105 -25.26 28.12 8.81
N LYS A 106 -26.15 28.47 7.87
CA LYS A 106 -25.71 29.04 6.60
C LYS A 106 -24.71 30.16 6.81
N ALA A 107 -24.84 30.90 7.91
CA ALA A 107 -23.90 31.99 8.17
C ALA A 107 -22.53 31.43 8.53
N ASP A 108 -22.49 30.28 9.22
CA ASP A 108 -21.20 29.72 9.55
C ASP A 108 -20.54 29.19 8.28
N GLN A 109 -21.33 28.57 7.40
CA GLN A 109 -20.79 28.08 6.14
C GLN A 109 -20.16 29.23 5.36
N ASP A 110 -20.85 30.36 5.27
CA ASP A 110 -20.31 31.50 4.53
C ASP A 110 -19.06 32.05 5.21
N LEU A 111 -19.03 32.06 6.54
CA LEU A 111 -17.85 32.59 7.21
C LEU A 111 -16.65 31.67 7.01
N LEU A 112 -16.86 30.37 7.08
CA LEU A 112 -15.75 29.43 6.90
C LEU A 112 -15.24 29.46 5.47
N PHE A 113 -16.16 29.46 4.51
CA PHE A 113 -15.76 29.46 3.11
C PHE A 113 -15.03 30.75 2.77
N GLU A 114 -15.60 31.90 3.09
CA GLU A 114 -14.92 33.16 2.78
C GLU A 114 -13.58 33.26 3.49
N SER A 115 -13.49 32.77 4.72
CA SER A 115 -12.24 32.87 5.46
C SER A 115 -11.17 31.95 4.92
N ALA A 116 -11.55 30.85 4.29
CA ALA A 116 -10.53 29.93 3.82
C ALA A 116 -10.31 29.93 2.31
N PHE A 117 -11.16 30.59 1.53
CA PHE A 117 -10.98 30.54 0.07
C PHE A 117 -9.54 30.71 -0.39
N LEU A 118 -8.88 31.77 0.05
CA LEU A 118 -7.51 31.97 -0.40
C LEU A 118 -6.60 30.82 0.02
N GLU A 119 -6.81 30.29 1.22
CA GLU A 119 -5.95 29.20 1.63
C GLU A 119 -6.22 27.96 0.79
N LEU A 120 -7.50 27.67 0.55
CA LEU A 120 -7.85 26.52 -0.29
C LEU A 120 -7.27 26.69 -1.67
N PHE A 121 -7.50 27.84 -2.29
CA PHE A 121 -6.99 28.10 -3.62
C PHE A 121 -5.49 27.86 -3.68
N VAL A 122 -4.75 28.38 -2.70
CA VAL A 122 -3.31 28.21 -2.74
C VAL A 122 -2.91 26.76 -2.51
N LEU A 123 -3.54 26.09 -1.55
CA LEU A 123 -3.19 24.70 -1.30
C LEU A 123 -3.51 23.79 -2.47
N ARG A 124 -4.72 23.87 -2.99
CA ARG A 124 -5.08 23.01 -4.12
C ARG A 124 -4.21 23.29 -5.33
N LEU A 125 -3.92 24.58 -5.60
CA LEU A 125 -3.08 24.88 -6.75
C LEU A 125 -1.66 24.34 -6.56
N ALA A 126 -1.12 24.49 -5.34
CA ALA A 126 0.23 24.04 -5.03
C ALA A 126 0.32 22.53 -5.03
N TYR A 127 -0.77 21.86 -4.67
CA TYR A 127 -0.72 20.42 -4.64
C TYR A 127 -0.77 19.85 -6.04
N ARG A 128 -1.59 20.42 -6.92
CA ARG A 128 -1.68 19.84 -8.25
C ARG A 128 -0.68 20.39 -9.27
N SER A 129 -0.02 21.51 -8.98
CA SER A 129 0.91 22.06 -9.96
C SER A 129 2.24 21.28 -9.98
N ASN A 130 3.09 21.65 -10.94
CA ASN A 130 4.43 21.06 -11.13
C ASN A 130 5.48 22.14 -10.92
N PRO A 131 5.84 22.43 -9.67
CA PRO A 131 6.85 23.47 -9.40
C PRO A 131 8.16 23.32 -10.18
N VAL A 132 8.69 22.10 -10.33
CA VAL A 132 9.97 21.91 -11.03
C VAL A 132 9.93 22.49 -12.45
N GLU A 133 8.86 22.27 -13.18
CA GLU A 133 8.82 22.80 -14.53
C GLU A 133 8.25 24.20 -14.59
N GLY A 134 7.89 24.75 -13.43
CA GLY A 134 7.32 26.08 -13.36
C GLY A 134 5.97 26.13 -14.01
N LYS A 135 5.22 25.03 -13.92
CA LYS A 135 3.88 24.91 -14.49
C LYS A 135 2.81 24.91 -13.40
N LEU A 136 1.88 25.85 -13.53
CA LEU A 136 0.75 26.02 -12.63
C LEU A 136 -0.50 25.45 -13.28
N ILE A 137 -1.25 24.66 -12.53
CA ILE A 137 -2.48 24.04 -13.03
C ILE A 137 -3.57 24.50 -12.07
N PHE A 138 -4.52 25.27 -12.56
CA PHE A 138 -5.57 25.83 -11.70
C PHE A 138 -6.76 24.87 -11.57
N CYS A 139 -7.75 25.32 -10.81
CA CYS A 139 -8.85 24.50 -10.30
C CYS A 139 -9.72 24.03 -11.46
N ASN A 140 -9.28 24.30 -12.69
CA ASN A 140 -10.06 24.06 -13.91
C ASN A 140 -9.29 23.41 -15.05
N GLY A 141 -8.03 23.02 -14.86
CA GLY A 141 -7.28 22.37 -15.92
C GLY A 141 -6.41 23.25 -16.78
N VAL A 142 -6.52 24.57 -16.68
CA VAL A 142 -5.67 25.46 -17.48
C VAL A 142 -4.24 25.36 -16.96
N VAL A 143 -3.28 25.18 -17.86
CA VAL A 143 -1.88 25.08 -17.47
C VAL A 143 -1.13 26.30 -17.98
N LEU A 144 -0.69 27.16 -17.04
CA LEU A 144 0.08 28.36 -17.37
C LEU A 144 1.47 28.26 -16.75
N HIS A 145 2.42 28.95 -17.35
CA HIS A 145 3.75 28.94 -16.79
C HIS A 145 3.83 30.01 -15.71
N ARG A 146 4.82 29.88 -14.83
CA ARG A 146 4.97 30.89 -13.78
C ARG A 146 5.13 32.29 -14.36
N LEU A 147 6.02 32.41 -15.35
CA LEU A 147 6.30 33.69 -16.00
C LEU A 147 5.07 34.33 -16.61
N GLN A 148 4.00 33.56 -16.83
CA GLN A 148 2.81 34.17 -17.38
C GLN A 148 1.95 34.67 -16.25
N CYS A 149 1.96 33.94 -15.15
CA CYS A 149 1.19 34.30 -13.98
C CYS A 149 1.79 35.46 -13.22
N VAL A 150 3.08 35.74 -13.42
CA VAL A 150 3.72 36.82 -12.67
C VAL A 150 3.15 38.18 -13.01
N ARG A 151 2.70 38.36 -14.26
CA ARG A 151 2.15 39.63 -14.69
C ARG A 151 0.89 39.98 -13.92
N GLY A 152 0.06 38.99 -13.63
CA GLY A 152 -1.17 39.25 -12.91
C GLY A 152 -1.07 39.04 -11.42
N PHE A 153 -0.50 37.92 -10.99
CA PHE A 153 -0.39 37.59 -9.58
C PHE A 153 0.65 38.41 -8.83
N GLY A 154 1.75 38.83 -9.45
CA GLY A 154 2.75 39.54 -8.69
C GLY A 154 3.70 38.53 -8.08
N GLU A 155 4.58 38.98 -7.20
CA GLU A 155 5.53 38.05 -6.60
C GLU A 155 4.83 36.92 -5.85
N TRP A 156 3.56 37.12 -5.49
CA TRP A 156 2.86 36.07 -4.79
C TRP A 156 2.93 34.76 -5.56
N ILE A 157 2.96 34.81 -6.90
CA ILE A 157 3.02 33.55 -7.65
C ILE A 157 4.31 32.80 -7.36
N ASP A 158 5.38 33.52 -6.99
CA ASP A 158 6.63 32.86 -6.66
C ASP A 158 6.54 32.30 -5.27
N SER A 159 5.81 32.99 -4.40
CA SER A 159 5.67 32.43 -3.06
C SER A 159 4.82 31.16 -3.15
N ILE A 160 3.92 31.12 -4.13
CA ILE A 160 3.07 29.96 -4.33
C ILE A 160 3.89 28.80 -4.87
N VAL A 161 4.75 29.07 -5.87
CA VAL A 161 5.59 28.01 -6.42
C VAL A 161 6.55 27.48 -5.38
N GLU A 162 7.05 28.34 -4.49
CA GLU A 162 7.92 27.79 -3.46
C GLU A 162 7.12 26.91 -2.52
N PHE A 163 5.89 27.32 -2.23
CA PHE A 163 5.07 26.50 -1.35
C PHE A 163 4.79 25.16 -2.02
N SER A 164 4.59 25.17 -3.33
CA SER A 164 4.34 23.91 -4.02
C SER A 164 5.56 23.01 -3.91
N SER A 165 6.76 23.58 -4.07
CA SER A 165 7.97 22.76 -3.95
C SER A 165 8.08 22.18 -2.56
N ASN A 166 7.83 22.98 -1.52
CA ASN A 166 7.93 22.47 -0.15
C ASN A 166 6.86 21.43 0.15
N LEU A 167 5.63 21.69 -0.28
CA LEU A 167 4.54 20.75 -0.05
C LEU A 167 4.78 19.42 -0.73
N GLN A 168 5.22 19.45 -1.99
CA GLN A 168 5.44 18.22 -2.71
C GLN A 168 6.71 17.50 -2.25
N ASN A 169 7.67 18.24 -1.70
CA ASN A 169 8.82 17.47 -1.25
C ASN A 169 8.50 16.59 -0.06
N MET A 170 7.25 16.54 0.40
CA MET A 170 6.89 15.65 1.48
C MET A 170 5.83 14.65 1.07
N ASN A 171 5.42 14.66 -0.20
CA ASN A 171 4.82 13.51 -0.87
C ASN A 171 3.59 12.98 -0.13
N ILE A 172 2.72 13.91 0.23
CA ILE A 172 1.47 13.61 0.91
C ILE A 172 0.55 12.84 -0.03
N ASP A 173 -0.03 11.74 0.47
CA ASP A 173 -0.94 10.96 -0.34
C ASP A 173 -2.31 11.64 -0.40
N ILE A 174 -3.16 11.16 -1.31
CA ILE A 174 -4.45 11.81 -1.53
C ILE A 174 -5.34 11.81 -0.28
N SER A 175 -5.35 10.73 0.48
CA SER A 175 -6.18 10.72 1.69
C SER A 175 -5.74 11.83 2.65
N ALA A 176 -4.44 11.93 2.88
CA ALA A 176 -3.92 12.95 3.78
C ALA A 176 -4.22 14.34 3.23
N PHE A 177 -4.00 14.55 1.93
CA PHE A 177 -4.27 15.86 1.39
C PHE A 177 -5.74 16.24 1.51
N SER A 178 -6.64 15.26 1.34
CA SER A 178 -8.05 15.62 1.46
C SER A 178 -8.38 15.99 2.90
N CYS A 179 -7.60 15.45 3.84
CA CYS A 179 -7.86 15.79 5.23
C CYS A 179 -7.30 17.16 5.55
N ILE A 180 -6.11 17.47 5.05
CA ILE A 180 -5.54 18.78 5.33
C ILE A 180 -6.43 19.86 4.73
N ALA A 181 -6.91 19.62 3.51
CA ALA A 181 -7.81 20.58 2.89
C ALA A 181 -9.04 20.80 3.75
N ALA A 182 -9.69 19.70 4.18
CA ALA A 182 -10.87 19.86 5.03
C ALA A 182 -10.55 20.65 6.30
N LEU A 183 -9.38 20.40 6.91
CA LEU A 183 -9.01 21.11 8.12
C LEU A 183 -8.61 22.56 7.87
N ALA A 184 -8.34 22.92 6.63
CA ALA A 184 -7.99 24.30 6.36
C ALA A 184 -9.21 25.18 6.44
N MET A 185 -10.38 24.63 6.09
CA MET A 185 -11.62 25.37 6.22
C MET A 185 -12.33 25.13 7.54
N VAL A 186 -12.45 23.88 7.97
CA VAL A 186 -13.25 23.56 9.16
C VAL A 186 -12.33 23.74 10.37
N THR A 187 -12.25 24.98 10.83
CA THR A 187 -11.40 25.36 11.95
C THR A 187 -12.02 26.59 12.58
N GLU A 188 -11.62 26.86 13.83
CA GLU A 188 -12.13 27.99 14.61
C GLU A 188 -12.00 29.34 13.91
N ARG A 189 -13.08 30.12 13.99
CA ARG A 189 -13.24 31.47 13.42
C ARG A 189 -14.09 32.37 14.31
N HIS A 190 -13.61 33.60 14.54
CA HIS A 190 -14.32 34.55 15.37
C HIS A 190 -15.54 35.07 14.61
N GLY A 191 -16.67 35.18 15.32
CA GLY A 191 -17.91 35.64 14.74
C GLY A 191 -18.73 34.46 14.27
N LEU A 192 -18.45 33.28 14.79
CA LEU A 192 -19.15 32.07 14.42
C LEU A 192 -20.38 31.90 15.30
N LYS A 193 -21.52 31.60 14.67
CA LYS A 193 -22.76 31.43 15.42
C LYS A 193 -22.69 30.24 16.37
N GLU A 194 -22.28 29.08 15.86
CA GLU A 194 -22.16 27.84 16.65
C GLU A 194 -20.75 27.27 16.55
N PRO A 195 -19.80 27.83 17.31
CA PRO A 195 -18.41 27.34 17.26
C PRO A 195 -18.22 25.89 17.71
N LYS A 196 -19.13 25.36 18.54
CA LYS A 196 -18.96 23.98 19.00
C LYS A 196 -19.20 22.95 17.91
N ARG A 197 -20.12 23.23 16.98
CA ARG A 197 -20.36 22.27 15.91
C ARG A 197 -19.14 22.21 14.99
N VAL A 198 -18.55 23.37 14.69
CA VAL A 198 -17.36 23.40 13.83
C VAL A 198 -16.21 22.71 14.55
N GLU A 199 -16.01 23.04 15.82
CA GLU A 199 -14.94 22.41 16.59
C GLU A 199 -15.08 20.90 16.55
N GLU A 200 -16.33 20.41 16.59
CA GLU A 200 -16.57 18.97 16.54
C GLU A 200 -16.20 18.40 15.18
N LEU A 201 -16.57 19.09 14.10
CA LEU A 201 -16.21 18.59 12.78
C LEU A 201 -14.70 18.59 12.60
N GLN A 202 -14.03 19.63 13.12
CA GLN A 202 -12.58 19.71 12.99
C GLN A 202 -11.94 18.55 13.71
N ASN A 203 -12.36 18.28 14.94
CA ASN A 203 -11.79 17.16 15.66
C ASN A 203 -12.03 15.87 14.90
N LYS A 204 -13.22 15.71 14.33
CA LYS A 204 -13.48 14.51 13.56
C LYS A 204 -12.49 14.36 12.42
N ILE A 205 -12.20 15.46 11.73
CA ILE A 205 -11.27 15.39 10.60
C ILE A 205 -9.85 15.16 11.07
N VAL A 206 -9.43 15.85 12.13
CA VAL A 206 -8.07 15.66 12.64
C VAL A 206 -7.88 14.20 13.04
N ASN A 207 -8.84 13.67 13.82
CA ASN A 207 -8.76 12.28 14.26
C ASN A 207 -8.77 11.33 13.08
N CYS A 208 -9.52 11.65 12.02
CA CYS A 208 -9.54 10.78 10.84
C CYS A 208 -8.20 10.77 10.16
N LEU A 209 -7.53 11.92 10.09
CA LEU A 209 -6.24 11.96 9.44
C LEU A 209 -5.20 11.23 10.29
N LYS A 210 -5.32 11.35 11.62
CA LYS A 210 -4.37 10.66 12.48
C LYS A 210 -4.56 9.16 12.37
N ASP A 211 -5.81 8.71 12.33
CA ASP A 211 -6.04 7.27 12.23
C ASP A 211 -5.53 6.74 10.90
N HIS A 212 -5.79 7.47 9.81
CA HIS A 212 -5.29 7.03 8.52
C HIS A 212 -3.79 6.88 8.56
N VAL A 213 -3.09 7.92 9.06
CA VAL A 213 -1.63 7.89 9.13
C VAL A 213 -1.14 6.73 10.00
N THR A 214 -1.72 6.55 11.18
CA THR A 214 -1.24 5.47 12.03
C THR A 214 -1.51 4.09 11.43
N PHE A 215 -2.71 3.85 10.90
CA PHE A 215 -2.97 2.55 10.30
C PHE A 215 -2.10 2.31 9.09
N ASN A 216 -1.95 3.33 8.26
CA ASN A 216 -1.24 3.17 6.99
C ASN A 216 0.22 2.83 7.21
N ASN A 217 0.83 3.37 8.26
CA ASN A 217 2.28 3.33 8.43
C ASN A 217 2.63 2.68 9.76
N GLY A 218 1.97 1.54 10.01
CA GLY A 218 2.16 0.69 11.19
C GLY A 218 1.36 1.08 12.41
N GLY A 219 1.00 0.14 13.27
CA GLY A 219 0.37 0.51 14.53
C GLY A 219 1.03 1.68 15.22
N LEU A 220 2.31 1.91 14.93
CA LEU A 220 3.08 3.01 15.52
C LEU A 220 2.84 4.31 14.75
N ASN A 221 2.31 5.31 15.43
CA ASN A 221 2.01 6.59 14.83
C ASN A 221 3.27 7.27 14.31
N ARG A 222 3.07 8.35 13.54
CA ARG A 222 4.15 9.24 13.13
C ARG A 222 3.77 10.64 13.59
N PRO A 223 3.96 10.93 14.89
CA PRO A 223 3.68 12.27 15.43
C PRO A 223 4.46 13.38 14.75
N ASN A 224 5.67 13.10 14.27
CA ASN A 224 6.47 14.14 13.64
C ASN A 224 5.94 14.47 12.24
N TYR A 225 5.59 13.46 11.46
CA TYR A 225 5.01 13.72 10.16
C TYR A 225 3.72 14.50 10.34
N LEU A 226 2.89 14.06 11.28
CA LEU A 226 1.63 14.71 11.59
C LEU A 226 1.84 16.18 11.90
N SER A 227 2.81 16.49 12.77
CA SER A 227 3.02 17.89 13.10
C SER A 227 3.50 18.69 11.90
N LYS A 228 4.24 18.09 10.96
CA LYS A 228 4.64 18.90 9.80
C LYS A 228 3.44 19.18 8.91
N LEU A 229 2.53 18.20 8.81
CA LEU A 229 1.34 18.38 7.97
C LEU A 229 0.46 19.46 8.57
N LEU A 230 0.21 19.40 9.87
CA LEU A 230 -0.62 20.45 10.43
C LEU A 230 0.11 21.78 10.40
N GLY A 231 1.46 21.76 10.39
CA GLY A 231 2.22 22.99 10.31
C GLY A 231 2.16 23.64 8.95
N LYS A 232 1.69 22.91 7.94
CA LYS A 232 1.56 23.47 6.60
C LYS A 232 0.40 24.47 6.54
N LEU A 233 -0.49 24.44 7.54
CA LEU A 233 -1.65 25.34 7.57
C LEU A 233 -1.25 26.79 7.84
N PRO A 234 -0.39 27.11 8.81
CA PRO A 234 -0.04 28.52 9.02
C PRO A 234 0.62 29.13 7.80
N GLU A 235 1.46 28.34 7.12
CA GLU A 235 2.12 28.82 5.92
C GLU A 235 1.05 29.21 4.91
N LEU A 236 0.00 28.41 4.85
CA LEU A 236 -1.10 28.64 3.94
C LEU A 236 -1.81 29.95 4.28
N ARG A 237 -2.02 30.23 5.59
CA ARG A 237 -2.67 31.49 5.96
C ARG A 237 -1.83 32.67 5.51
N THR A 238 -0.52 32.58 5.71
CA THR A 238 0.35 33.68 5.30
C THR A 238 0.30 33.87 3.79
N LEU A 239 0.34 32.78 3.03
CA LEU A 239 0.27 32.90 1.58
C LEU A 239 -1.03 33.61 1.20
N CYS A 240 -1.98 33.55 2.11
CA CYS A 240 -3.15 34.08 1.86
C CYS A 240 -3.17 35.50 2.10
N THR A 241 -2.57 35.91 3.21
CA THR A 241 -2.55 37.34 3.51
C THR A 241 -1.75 37.99 2.39
N GLN A 242 -0.82 37.23 1.82
CA GLN A 242 -0.04 37.78 0.73
C GLN A 242 -0.90 37.92 -0.53
N GLY A 243 -1.99 37.14 -0.59
CA GLY A 243 -2.91 37.27 -1.70
C GLY A 243 -3.77 38.50 -1.49
N LEU A 244 -4.07 38.79 -0.23
CA LEU A 244 -4.85 39.99 0.06
C LEU A 244 -4.03 41.21 -0.24
N GLN A 245 -2.71 41.09 -0.09
CA GLN A 245 -1.86 42.23 -0.39
C GLN A 245 -1.80 42.44 -1.90
N ARG A 246 -1.85 41.35 -2.68
CA ARG A 246 -1.83 41.52 -4.13
C ARG A 246 -3.14 42.14 -4.61
N ILE A 247 -4.24 41.76 -3.97
CA ILE A 247 -5.54 42.29 -4.36
C ILE A 247 -5.65 43.75 -3.92
N PHE A 248 -5.10 44.09 -2.75
CA PHE A 248 -5.13 45.47 -2.29
C PHE A 248 -4.32 46.36 -3.23
N TYR A 249 -3.15 45.88 -3.66
CA TYR A 249 -2.36 46.65 -4.61
C TYR A 249 -3.13 46.89 -5.90
N LEU A 250 -3.77 45.84 -6.44
CA LEU A 250 -4.51 46.03 -7.67
C LEU A 250 -5.68 46.99 -7.48
N LYS A 251 -6.32 46.97 -6.31
CA LYS A 251 -7.42 47.89 -6.08
C LYS A 251 -6.92 49.33 -6.04
N LEU A 252 -5.73 49.54 -5.48
CA LEU A 252 -5.19 50.90 -5.41
C LEU A 252 -4.77 51.37 -6.80
N GLU A 253 -4.13 50.49 -7.57
CA GLU A 253 -3.71 50.86 -8.92
C GLU A 253 -4.92 51.35 -9.72
N ASP A 254 -6.08 50.73 -9.51
CA ASP A 254 -7.34 51.13 -10.15
C ASP A 254 -7.29 51.06 -11.68
N LEU A 255 -6.41 50.21 -12.22
CA LEU A 255 -6.33 50.05 -13.67
C LEU A 255 -7.41 49.10 -14.16
N VAL A 256 -7.55 47.96 -13.48
CA VAL A 256 -8.53 46.90 -13.74
C VAL A 256 -9.28 46.71 -12.44
N PRO A 257 -10.22 47.59 -12.11
CA PRO A 257 -10.95 47.48 -10.85
C PRO A 257 -11.46 46.08 -10.59
N PRO A 258 -11.26 45.62 -9.35
CA PRO A 258 -11.70 44.29 -8.90
C PRO A 258 -13.20 44.14 -8.98
N PRO A 259 -13.70 43.07 -9.59
CA PRO A 259 -15.16 42.89 -9.69
C PRO A 259 -15.80 42.68 -8.32
N ALA A 260 -17.12 42.86 -8.31
CA ALA A 260 -17.90 42.75 -7.06
C ALA A 260 -17.53 41.52 -6.23
N ILE A 261 -17.34 40.37 -6.86
CA ILE A 261 -17.00 39.20 -6.07
C ILE A 261 -15.65 39.35 -5.41
N ILE A 262 -14.69 40.00 -6.08
CA ILE A 262 -13.39 40.15 -5.43
C ILE A 262 -13.42 41.26 -4.41
N ASP A 263 -14.24 42.29 -4.64
CA ASP A 263 -14.33 43.35 -3.65
C ASP A 263 -14.90 42.78 -2.36
N LYS A 264 -16.00 42.02 -2.49
CA LYS A 264 -16.59 41.42 -1.31
C LYS A 264 -15.61 40.47 -0.65
N LEU A 265 -14.92 39.63 -1.42
CA LEU A 265 -13.96 38.72 -0.82
C LEU A 265 -12.95 39.50 0.02
N PHE A 266 -12.37 40.54 -0.56
CA PHE A 266 -11.39 41.36 0.13
C PHE A 266 -11.93 41.94 1.44
N LEU A 267 -13.13 42.51 1.41
CA LEU A 267 -13.67 43.12 2.62
C LEU A 267 -14.11 42.09 3.66
N ASP A 268 -14.69 40.97 3.22
CA ASP A 268 -15.13 39.89 4.12
C ASP A 268 -13.98 39.14 4.75
N THR A 269 -12.85 39.05 4.05
CA THR A 269 -11.71 38.31 4.57
C THR A 269 -10.90 39.17 5.51
N LEU A 270 -11.06 40.48 5.42
CA LEU A 270 -10.32 41.36 6.30
C LEU A 270 -10.59 40.89 7.74
N PRO A 271 -9.56 40.45 8.46
CA PRO A 271 -9.73 39.96 9.84
C PRO A 271 -10.17 40.98 10.89
N PHE A 272 -10.26 42.27 10.59
CA PHE A 272 -10.67 43.21 11.64
C PHE A 272 -11.85 44.10 11.24
N SER B 37 1.23 9.70 -10.00
CA SER B 37 0.68 10.10 -11.29
C SER B 37 -0.40 9.08 -11.65
N LEU B 38 0.02 7.82 -11.86
CA LEU B 38 -0.92 6.74 -12.16
C LEU B 38 -1.92 6.54 -11.04
N ILE B 39 -1.45 6.51 -9.79
CA ILE B 39 -2.33 6.30 -8.66
C ILE B 39 -3.42 7.35 -8.65
N SER B 40 -3.09 8.58 -9.02
CA SER B 40 -4.15 9.58 -9.02
C SER B 40 -5.19 9.22 -10.06
N ALA B 41 -4.75 8.72 -11.23
CA ALA B 41 -5.68 8.33 -12.28
C ALA B 41 -6.52 7.14 -11.83
N LEU B 42 -5.88 6.19 -11.14
CA LEU B 42 -6.54 4.98 -10.65
C LEU B 42 -7.54 5.32 -9.57
N VAL B 43 -7.23 6.31 -8.75
CA VAL B 43 -8.14 6.74 -7.70
C VAL B 43 -9.33 7.42 -8.34
N ARG B 44 -9.07 8.22 -9.37
CA ARG B 44 -10.16 8.88 -10.06
C ARG B 44 -11.08 7.82 -10.65
N ALA B 45 -10.49 6.84 -11.34
CA ALA B 45 -11.28 5.75 -11.91
C ALA B 45 -12.16 5.08 -10.86
N HIS B 46 -11.56 4.74 -9.72
CA HIS B 46 -12.31 4.08 -8.66
C HIS B 46 -13.43 4.96 -8.12
N VAL B 47 -13.10 6.19 -7.74
CA VAL B 47 -14.09 7.13 -7.19
C VAL B 47 -15.23 7.34 -8.17
N ASP B 48 -14.90 7.59 -9.44
CA ASP B 48 -15.90 7.81 -10.47
C ASP B 48 -16.78 6.58 -10.75
N SER B 49 -16.31 5.36 -10.47
CA SER B 49 -17.10 4.16 -10.76
C SER B 49 -17.74 3.52 -9.53
N ASN B 50 -17.80 4.25 -8.41
CA ASN B 50 -18.41 3.73 -7.19
C ASN B 50 -19.49 4.65 -6.63
N PRO B 51 -20.50 4.08 -5.96
CA PRO B 51 -21.59 4.91 -5.42
C PRO B 51 -21.23 5.77 -4.21
N ALA B 52 -21.72 7.00 -4.21
CA ALA B 52 -21.50 7.91 -3.10
C ALA B 52 -22.11 7.32 -1.83
N MET B 53 -21.28 7.04 -0.83
CA MET B 53 -21.75 6.44 0.42
C MET B 53 -22.73 7.35 1.15
N THR B 54 -23.24 8.37 0.47
CA THR B 54 -24.22 9.30 1.02
C THR B 54 -25.31 9.50 -0.02
N SER B 55 -25.55 8.46 -0.81
CA SER B 55 -26.55 8.45 -1.87
C SER B 55 -26.91 7.01 -2.15
N LEU B 56 -26.88 6.19 -1.09
CA LEU B 56 -27.19 4.78 -1.18
C LEU B 56 -28.69 4.60 -0.95
N ASP B 57 -29.32 3.73 -1.73
CA ASP B 57 -30.76 3.47 -1.59
C ASP B 57 -30.96 2.30 -0.64
N TYR B 58 -31.55 2.58 0.53
CA TYR B 58 -31.82 1.56 1.53
C TYR B 58 -33.29 1.20 1.52
N SER B 59 -33.94 1.55 0.41
CA SER B 59 -35.36 1.31 0.20
C SER B 59 -35.69 -0.17 0.38
N ARG B 60 -34.81 -1.06 -0.09
CA ARG B 60 -35.04 -2.50 -0.02
C ARG B 60 -34.13 -3.20 0.98
N PHE B 61 -33.65 -2.48 1.99
CA PHE B 61 -32.80 -3.05 3.02
C PHE B 61 -33.70 -3.58 4.14
N GLN B 62 -33.47 -4.83 4.52
CA GLN B 62 -34.28 -5.45 5.58
C GLN B 62 -33.48 -6.58 6.20
N ALA B 63 -33.17 -6.46 7.50
CA ALA B 63 -32.42 -7.51 8.16
C ALA B 63 -33.32 -8.63 8.66
N ASN B 64 -34.61 -8.37 8.83
CA ASN B 64 -35.55 -9.38 9.28
C ASN B 64 -35.55 -10.54 8.29
N PRO B 65 -35.27 -11.76 8.73
CA PRO B 65 -35.29 -12.88 7.76
C PRO B 65 -36.67 -13.07 7.11
N ASP B 66 -37.75 -12.99 7.89
CA ASP B 66 -39.10 -13.12 7.34
C ASP B 66 -39.34 -12.10 6.22
N ASP B 73 -38.38 -17.41 -4.91
CA ASP B 73 -36.97 -17.48 -5.25
C ASP B 73 -36.73 -16.96 -6.66
N THR B 74 -37.70 -17.17 -7.55
CA THR B 74 -37.54 -16.69 -8.93
C THR B 74 -37.28 -15.19 -8.90
N GLN B 75 -37.78 -14.53 -7.86
CA GLN B 75 -37.62 -13.10 -7.68
C GLN B 75 -36.16 -12.78 -7.40
N HIS B 76 -35.59 -13.44 -6.39
CA HIS B 76 -34.22 -13.21 -6.02
C HIS B 76 -33.27 -13.67 -7.11
N ILE B 77 -33.70 -14.59 -7.97
CA ILE B 77 -32.84 -15.05 -9.05
C ILE B 77 -32.79 -14.00 -10.15
N GLN B 78 -33.96 -13.47 -10.52
CA GLN B 78 -33.91 -12.46 -11.56
C GLN B 78 -33.12 -11.27 -11.04
N GLN B 79 -33.22 -10.99 -9.73
CA GLN B 79 -32.44 -9.90 -9.15
C GLN B 79 -30.94 -10.19 -9.21
N PHE B 80 -30.56 -11.41 -8.85
CA PHE B 80 -29.16 -11.81 -8.91
C PHE B 80 -28.60 -11.50 -10.30
N TYR B 81 -29.35 -11.91 -11.34
CA TYR B 81 -28.90 -11.64 -12.70
C TYR B 81 -28.80 -10.15 -12.96
N ASP B 82 -29.82 -9.39 -12.55
CA ASP B 82 -29.79 -7.95 -12.78
C ASP B 82 -28.55 -7.32 -12.14
N LEU B 83 -28.33 -7.60 -10.86
CA LEU B 83 -27.16 -7.06 -10.17
C LEU B 83 -25.90 -7.34 -10.96
N LEU B 84 -25.74 -8.58 -11.42
CA LEU B 84 -24.54 -8.93 -12.17
C LEU B 84 -24.39 -8.12 -13.47
N THR B 85 -25.42 -8.07 -14.30
CA THR B 85 -25.21 -7.32 -15.55
C THR B 85 -25.06 -5.81 -15.32
N GLY B 86 -25.72 -5.24 -14.31
CA GLY B 86 -25.58 -3.82 -14.07
C GLY B 86 -24.19 -3.48 -13.59
N SER B 87 -23.60 -4.39 -12.81
CA SER B 87 -22.27 -4.14 -12.30
C SER B 87 -21.26 -4.42 -13.37
N MET B 88 -21.65 -5.24 -14.35
CA MET B 88 -20.81 -5.47 -15.52
C MET B 88 -20.60 -4.18 -16.30
N GLU B 89 -21.68 -3.45 -16.57
CA GLU B 89 -21.49 -2.19 -17.29
C GLU B 89 -20.73 -1.15 -16.45
N ILE B 90 -20.98 -1.11 -15.13
CA ILE B 90 -20.29 -0.14 -14.29
C ILE B 90 -18.78 -0.41 -14.30
N ILE B 91 -18.40 -1.66 -14.05
CA ILE B 91 -17.00 -2.05 -14.02
C ILE B 91 -16.37 -1.88 -15.39
N ARG B 92 -17.14 -2.00 -16.47
CA ARG B 92 -16.53 -1.78 -17.77
C ARG B 92 -16.14 -0.31 -17.89
N GLY B 93 -16.98 0.61 -17.40
CA GLY B 93 -16.60 2.02 -17.46
C GLY B 93 -15.34 2.27 -16.63
N TRP B 94 -15.28 1.63 -15.47
CA TRP B 94 -14.09 1.75 -14.62
C TRP B 94 -12.86 1.32 -15.39
N ALA B 95 -12.95 0.15 -16.02
CA ALA B 95 -11.82 -0.35 -16.79
C ALA B 95 -11.42 0.67 -17.83
N GLU B 96 -12.42 1.31 -18.46
CA GLU B 96 -12.13 2.31 -19.48
C GLU B 96 -11.39 3.52 -18.90
N LYS B 97 -11.41 3.72 -17.58
CA LYS B 97 -10.71 4.85 -16.95
C LYS B 97 -9.29 4.48 -16.50
N ILE B 98 -8.82 3.28 -16.82
CA ILE B 98 -7.48 2.83 -16.49
C ILE B 98 -6.48 3.32 -17.53
N PRO B 99 -5.53 4.17 -17.15
CA PRO B 99 -4.56 4.66 -18.14
C PRO B 99 -3.89 3.50 -18.87
N GLY B 100 -3.92 3.55 -20.21
CA GLY B 100 -3.29 2.52 -21.02
C GLY B 100 -4.22 1.41 -21.49
N PHE B 101 -5.34 1.20 -20.80
CA PHE B 101 -6.25 0.13 -21.16
C PHE B 101 -6.87 0.37 -22.53
N ALA B 102 -7.17 1.61 -22.86
CA ALA B 102 -7.76 1.90 -24.16
C ALA B 102 -6.72 1.85 -25.27
N ASP B 103 -5.44 1.72 -24.93
CA ASP B 103 -4.39 1.64 -25.94
C ASP B 103 -4.09 0.20 -26.32
N LEU B 104 -4.79 -0.76 -25.74
CA LEU B 104 -4.61 -2.16 -26.07
C LEU B 104 -5.63 -2.57 -27.12
N PRO B 105 -5.33 -3.61 -27.90
CA PRO B 105 -6.31 -4.05 -28.91
C PRO B 105 -7.64 -4.32 -28.23
N LYS B 106 -8.73 -3.90 -28.88
CA LYS B 106 -10.05 -4.13 -28.28
C LYS B 106 -10.21 -5.58 -27.88
N ALA B 107 -9.68 -6.51 -28.68
CA ALA B 107 -9.80 -7.92 -28.32
C ALA B 107 -9.12 -8.17 -26.98
N ASP B 108 -7.94 -7.57 -26.75
CA ASP B 108 -7.27 -7.76 -25.48
C ASP B 108 -8.03 -7.08 -24.36
N GLN B 109 -8.71 -5.98 -24.68
CA GLN B 109 -9.50 -5.28 -23.68
C GLN B 109 -10.63 -6.18 -23.21
N ASP B 110 -11.37 -6.73 -24.17
CA ASP B 110 -12.48 -7.63 -23.86
C ASP B 110 -11.99 -8.87 -23.15
N LEU B 111 -10.79 -9.37 -23.50
CA LEU B 111 -10.29 -10.57 -22.85
C LEU B 111 -9.98 -10.29 -21.39
N LEU B 112 -9.31 -9.17 -21.11
CA LEU B 112 -8.98 -8.83 -19.73
C LEU B 112 -10.25 -8.57 -18.93
N PHE B 113 -11.13 -7.75 -19.48
CA PHE B 113 -12.39 -7.43 -18.83
C PHE B 113 -13.22 -8.68 -18.53
N GLU B 114 -13.60 -9.41 -19.59
CA GLU B 114 -14.42 -10.61 -19.41
C GLU B 114 -13.79 -11.60 -18.43
N SER B 115 -12.49 -11.81 -18.51
CA SER B 115 -11.85 -12.74 -17.60
C SER B 115 -11.81 -12.26 -16.17
N ALA B 116 -11.86 -10.95 -15.93
CA ALA B 116 -11.75 -10.46 -14.57
C ALA B 116 -13.02 -9.91 -13.95
N PHE B 117 -14.12 -9.80 -14.70
CA PHE B 117 -15.35 -9.25 -14.17
C PHE B 117 -15.74 -9.78 -12.80
N LEU B 118 -15.90 -11.11 -12.66
CA LEU B 118 -16.28 -11.67 -11.37
C LEU B 118 -15.32 -11.28 -10.27
N GLU B 119 -14.01 -11.38 -10.51
CA GLU B 119 -13.08 -11.00 -9.47
C GLU B 119 -13.26 -9.55 -9.06
N LEU B 120 -13.43 -8.67 -10.06
CA LEU B 120 -13.59 -7.25 -9.77
C LEU B 120 -14.90 -6.99 -9.02
N PHE B 121 -15.98 -7.64 -9.44
CA PHE B 121 -17.27 -7.45 -8.80
C PHE B 121 -17.21 -7.88 -7.35
N VAL B 122 -16.46 -8.95 -7.06
CA VAL B 122 -16.41 -9.44 -5.68
C VAL B 122 -15.50 -8.55 -4.85
N LEU B 123 -14.37 -8.13 -5.40
CA LEU B 123 -13.47 -7.23 -4.67
C LEU B 123 -14.11 -5.88 -4.39
N ARG B 124 -14.78 -5.30 -5.40
CA ARG B 124 -15.42 -4.01 -5.23
C ARG B 124 -16.57 -4.11 -4.23
N LEU B 125 -17.35 -5.19 -4.31
CA LEU B 125 -18.44 -5.35 -3.36
C LEU B 125 -17.90 -5.48 -1.94
N ALA B 126 -16.87 -6.32 -1.74
CA ALA B 126 -16.30 -6.49 -0.41
C ALA B 126 -15.70 -5.20 0.14
N TYR B 127 -15.07 -4.39 -0.73
CA TYR B 127 -14.45 -3.16 -0.25
C TYR B 127 -15.49 -2.10 0.10
N ARG B 128 -16.53 -1.95 -0.72
CA ARG B 128 -17.46 -0.88 -0.37
C ARG B 128 -18.55 -1.33 0.61
N SER B 129 -18.62 -2.63 0.93
CA SER B 129 -19.62 -3.18 1.84
C SER B 129 -19.15 -3.13 3.31
N ASN B 130 -20.11 -3.31 4.23
CA ASN B 130 -19.88 -3.35 5.66
C ASN B 130 -20.10 -4.79 6.16
N PRO B 131 -19.07 -5.64 6.14
CA PRO B 131 -19.27 -7.04 6.61
C PRO B 131 -19.83 -7.19 8.02
N VAL B 132 -19.23 -6.55 9.02
CA VAL B 132 -19.68 -6.66 10.41
C VAL B 132 -21.20 -6.50 10.50
N GLU B 133 -21.74 -5.44 9.90
CA GLU B 133 -23.18 -5.21 9.93
C GLU B 133 -23.94 -6.06 8.92
N GLY B 134 -23.26 -6.86 8.10
CA GLY B 134 -23.93 -7.68 7.11
C GLY B 134 -24.64 -6.91 6.02
N LYS B 135 -24.16 -5.70 5.70
CA LYS B 135 -24.72 -4.85 4.67
C LYS B 135 -23.91 -4.95 3.38
N LEU B 136 -24.58 -5.34 2.29
CA LEU B 136 -23.97 -5.46 0.98
C LEU B 136 -24.36 -4.22 0.19
N ILE B 137 -23.37 -3.61 -0.46
CA ILE B 137 -23.56 -2.39 -1.24
C ILE B 137 -23.05 -2.70 -2.64
N PHE B 138 -23.94 -2.64 -3.61
CA PHE B 138 -23.55 -2.97 -4.96
C PHE B 138 -23.09 -1.77 -5.79
N ASN B 140 -24.11 0.00 -7.70
CA ASN B 140 -25.14 0.94 -8.11
C ASN B 140 -25.82 1.64 -6.95
N GLY B 141 -25.33 1.42 -5.73
CA GLY B 141 -25.90 2.07 -4.57
C GLY B 141 -26.92 1.23 -3.81
N VAL B 142 -27.46 0.18 -4.42
CA VAL B 142 -28.45 -0.66 -3.74
C VAL B 142 -27.81 -1.36 -2.55
N VAL B 143 -28.50 -1.34 -1.42
CA VAL B 143 -28.01 -1.95 -0.18
C VAL B 143 -28.95 -3.06 0.28
N LEU B 144 -28.47 -4.31 0.22
CA LEU B 144 -29.26 -5.45 0.68
C LEU B 144 -28.55 -6.08 1.87
N HIS B 145 -29.26 -6.93 2.59
CA HIS B 145 -28.64 -7.60 3.73
C HIS B 145 -28.21 -9.00 3.31
N ARG B 146 -27.22 -9.56 4.03
CA ARG B 146 -26.72 -10.90 3.72
C ARG B 146 -27.85 -11.91 3.63
N LEU B 147 -28.93 -11.67 4.36
CA LEU B 147 -30.03 -12.62 4.34
C LEU B 147 -30.87 -12.44 3.09
N GLN B 148 -31.01 -11.21 2.60
CA GLN B 148 -31.78 -11.04 1.37
C GLN B 148 -31.03 -11.63 0.18
N CYS B 149 -29.71 -11.55 0.20
CA CYS B 149 -28.90 -12.08 -0.88
C CYS B 149 -28.76 -13.60 -0.86
N VAL B 150 -28.80 -14.24 0.31
CA VAL B 150 -28.59 -15.69 0.32
C VAL B 150 -29.55 -16.48 -0.57
N ARG B 151 -30.71 -15.95 -0.90
CA ARG B 151 -31.65 -16.69 -1.74
C ARG B 151 -31.25 -16.72 -3.21
N GLY B 152 -30.52 -15.72 -3.66
CA GLY B 152 -30.10 -15.65 -5.03
C GLY B 152 -28.67 -16.11 -5.19
N PHE B 153 -27.80 -15.58 -4.35
CA PHE B 153 -26.39 -15.93 -4.47
C PHE B 153 -26.06 -17.33 -3.94
N GLY B 154 -26.81 -17.88 -2.98
CA GLY B 154 -26.35 -19.17 -2.55
C GLY B 154 -25.32 -18.97 -1.48
N GLU B 155 -24.60 -20.04 -1.17
CA GLU B 155 -23.58 -19.93 -0.14
C GLU B 155 -22.47 -18.99 -0.58
N TRP B 156 -22.46 -18.61 -1.86
CA TRP B 156 -21.43 -17.71 -2.34
C TRP B 156 -21.49 -16.38 -1.60
N ILE B 157 -22.70 -15.88 -1.32
CA ILE B 157 -22.80 -14.62 -0.59
C ILE B 157 -22.07 -14.72 0.74
N ASP B 158 -22.13 -15.89 1.38
CA ASP B 158 -21.41 -16.06 2.64
C ASP B 158 -19.91 -16.08 2.41
N SER B 159 -19.49 -16.64 1.27
CA SER B 159 -18.05 -16.64 1.01
C SER B 159 -17.57 -15.23 0.73
N ILE B 160 -18.43 -14.43 0.11
CA ILE B 160 -18.10 -13.05 -0.21
C ILE B 160 -17.98 -12.24 1.07
N VAL B 161 -18.95 -12.40 1.98
CA VAL B 161 -18.89 -11.64 3.23
C VAL B 161 -17.64 -12.02 4.02
N GLU B 162 -17.28 -13.31 4.00
CA GLU B 162 -16.08 -13.72 4.72
C GLU B 162 -14.87 -13.04 4.09
N PHE B 163 -14.87 -12.93 2.76
CA PHE B 163 -13.77 -12.25 2.10
C PHE B 163 -13.79 -10.76 2.42
N SER B 164 -14.97 -10.16 2.47
CA SER B 164 -15.11 -8.74 2.77
C SER B 164 -14.54 -8.42 4.15
N SER B 165 -14.84 -9.26 5.13
CA SER B 165 -14.33 -9.03 6.47
C SER B 165 -12.82 -9.16 6.48
N ASN B 166 -12.29 -10.18 5.79
CA ASN B 166 -10.84 -10.33 5.76
C ASN B 166 -10.19 -9.17 5.01
N LEU B 167 -10.81 -8.68 3.94
CA LEU B 167 -10.26 -7.58 3.17
C LEU B 167 -10.18 -6.32 4.02
N GLN B 168 -11.27 -6.02 4.72
CA GLN B 168 -11.35 -4.83 5.56
C GLN B 168 -10.50 -4.94 6.80
N ASN B 169 -10.23 -6.14 7.27
CA ASN B 169 -9.40 -6.23 8.46
C ASN B 169 -7.98 -5.83 8.19
N MET B 170 -7.65 -5.31 7.01
CA MET B 170 -6.30 -4.79 6.75
C MET B 170 -6.27 -3.34 6.25
N ASN B 171 -7.41 -2.63 6.22
CA ASN B 171 -7.43 -1.16 6.16
C ASN B 171 -6.66 -0.61 4.94
N ILE B 172 -7.06 -1.08 3.76
CA ILE B 172 -6.43 -0.69 2.50
C ILE B 172 -6.89 0.71 2.12
N ASP B 173 -5.97 1.67 2.07
CA ASP B 173 -6.36 3.02 1.71
C ASP B 173 -6.80 3.06 0.24
N ILE B 174 -7.50 4.13 -0.13
CA ILE B 174 -8.04 4.23 -1.49
C ILE B 174 -6.96 4.10 -2.56
N SER B 175 -5.74 4.56 -2.29
CA SER B 175 -4.72 4.48 -3.34
C SER B 175 -4.27 3.03 -3.56
N ALA B 176 -4.07 2.28 -2.46
CA ALA B 176 -3.65 0.89 -2.59
C ALA B 176 -4.77 0.04 -3.15
N PHE B 177 -6.01 0.36 -2.80
CA PHE B 177 -7.08 -0.46 -3.33
C PHE B 177 -7.26 -0.21 -4.80
N SER B 178 -7.07 1.05 -5.25
CA SER B 178 -7.24 1.30 -6.67
C SER B 178 -6.17 0.58 -7.45
N CYS B 179 -4.99 0.42 -6.86
CA CYS B 179 -3.95 -0.30 -7.57
C CYS B 179 -4.25 -1.79 -7.57
N ILE B 180 -4.68 -2.34 -6.44
CA ILE B 180 -4.97 -3.77 -6.39
C ILE B 180 -6.07 -4.10 -7.39
N ALA B 181 -7.12 -3.29 -7.40
CA ALA B 181 -8.22 -3.52 -8.33
C ALA B 181 -7.73 -3.43 -9.76
N ALA B 182 -6.86 -2.46 -10.05
CA ALA B 182 -6.36 -2.36 -11.42
C ALA B 182 -5.53 -3.59 -11.77
N LEU B 183 -4.75 -4.09 -10.82
CA LEU B 183 -3.93 -5.26 -11.03
C LEU B 183 -4.75 -6.54 -11.17
N ALA B 184 -6.02 -6.50 -10.74
CA ALA B 184 -6.85 -7.69 -10.86
C ALA B 184 -7.31 -7.90 -12.29
N MET B 185 -7.47 -6.82 -13.06
CA MET B 185 -7.82 -6.95 -14.46
C MET B 185 -6.60 -6.98 -15.37
N VAL B 186 -5.66 -6.06 -15.15
CA VAL B 186 -4.50 -5.91 -16.04
C VAL B 186 -3.46 -6.92 -15.56
N THR B 187 -3.61 -8.15 -16.04
CA THR B 187 -2.75 -9.24 -15.66
C THR B 187 -2.70 -10.18 -16.85
N GLU B 188 -1.75 -11.10 -16.81
CA GLU B 188 -1.57 -12.03 -17.91
C GLU B 188 -2.77 -12.97 -18.05
N ARG B 189 -3.20 -13.15 -19.31
CA ARG B 189 -4.32 -14.02 -19.68
C ARG B 189 -3.96 -14.73 -20.97
N HIS B 190 -4.34 -16.00 -21.08
CA HIS B 190 -4.06 -16.75 -22.30
C HIS B 190 -4.88 -16.19 -23.46
N GLY B 191 -4.24 -16.00 -24.61
CA GLY B 191 -4.95 -15.51 -25.77
C GLY B 191 -4.74 -14.04 -26.09
N LEU B 192 -3.94 -13.34 -25.29
CA LEU B 192 -3.71 -11.91 -25.50
C LEU B 192 -2.93 -11.69 -26.79
N LYS B 193 -3.37 -10.69 -27.56
CA LYS B 193 -2.67 -10.39 -28.80
C LYS B 193 -1.37 -9.64 -28.50
N GLU B 194 -1.40 -8.67 -27.60
CA GLU B 194 -0.23 -7.89 -27.20
C GLU B 194 0.10 -8.12 -25.73
N PRO B 195 0.59 -9.31 -25.38
CA PRO B 195 0.93 -9.60 -23.98
C PRO B 195 1.96 -8.68 -23.36
N LYS B 196 2.89 -8.11 -24.14
CA LYS B 196 3.87 -7.24 -23.51
C LYS B 196 3.26 -5.92 -23.07
N ARG B 197 2.30 -5.37 -23.83
CA ARG B 197 1.67 -4.12 -23.40
C ARG B 197 0.86 -4.33 -22.12
N VAL B 198 0.15 -5.45 -22.02
CA VAL B 198 -0.59 -5.72 -20.79
C VAL B 198 0.41 -5.82 -19.67
N GLU B 199 1.50 -6.56 -19.90
CA GLU B 199 2.54 -6.71 -18.88
C GLU B 199 3.12 -5.36 -18.49
N GLU B 200 3.18 -4.43 -19.46
CA GLU B 200 3.74 -3.11 -19.23
C GLU B 200 2.84 -2.32 -18.29
N LEU B 201 1.52 -2.39 -18.52
CA LEU B 201 0.62 -1.68 -17.61
C LEU B 201 0.65 -2.33 -16.24
N GLN B 202 0.70 -3.67 -16.21
CA GLN B 202 0.73 -4.39 -14.96
C GLN B 202 1.92 -3.95 -14.13
N ASN B 203 3.12 -4.02 -14.69
CA ASN B 203 4.33 -3.62 -13.98
C ASN B 203 4.30 -2.14 -13.59
N LYS B 204 3.63 -1.29 -14.38
CA LYS B 204 3.57 0.12 -14.02
C LYS B 204 2.69 0.32 -12.79
N ILE B 205 1.60 -0.44 -12.71
CA ILE B 205 0.70 -0.32 -11.58
C ILE B 205 1.33 -0.94 -10.35
N VAL B 206 2.01 -2.07 -10.52
CA VAL B 206 2.68 -2.68 -9.38
C VAL B 206 3.73 -1.73 -8.83
N ASN B 207 4.46 -1.06 -9.71
CA ASN B 207 5.45 -0.12 -9.25
C ASN B 207 4.81 1.03 -8.47
N CYS B 208 3.68 1.55 -8.95
CA CYS B 208 2.98 2.62 -8.25
C CYS B 208 2.51 2.15 -6.87
N LEU B 209 2.08 0.90 -6.78
CA LEU B 209 1.61 0.40 -5.51
C LEU B 209 2.79 0.22 -4.56
N LYS B 210 3.92 -0.23 -5.09
CA LYS B 210 5.10 -0.40 -4.24
C LYS B 210 5.55 0.95 -3.72
N ASP B 211 5.52 2.00 -4.55
CA ASP B 211 5.93 3.31 -4.04
C ASP B 211 4.95 3.81 -3.00
N HIS B 212 3.65 3.60 -3.22
CA HIS B 212 2.65 4.04 -2.26
C HIS B 212 2.83 3.33 -0.92
N VAL B 213 3.18 2.04 -0.97
CA VAL B 213 3.31 1.21 0.23
C VAL B 213 4.63 1.36 0.96
N THR B 214 5.74 1.64 0.28
CA THR B 214 7.01 1.72 1.01
C THR B 214 7.37 3.17 1.29
N PHE B 215 7.47 3.99 0.25
CA PHE B 215 7.82 5.38 0.48
C PHE B 215 6.84 5.93 1.52
N ARG B 222 5.73 -1.64 10.09
CA ARG B 222 6.26 -1.82 8.74
C ARG B 222 6.09 -3.28 8.30
N PRO B 223 4.86 -3.69 7.99
CA PRO B 223 4.53 -5.13 7.88
C PRO B 223 4.83 -5.77 6.53
N ASN B 224 4.43 -7.03 6.31
CA ASN B 224 4.70 -7.64 5.01
C ASN B 224 3.90 -6.72 4.10
N TYR B 225 2.60 -6.83 4.26
CA TYR B 225 1.50 -6.09 3.64
C TYR B 225 1.52 -5.97 2.12
N LEU B 226 2.68 -5.71 1.51
CA LEU B 226 2.72 -5.63 0.05
C LEU B 226 2.32 -6.98 -0.54
N SER B 227 2.90 -8.03 0.04
CA SER B 227 2.64 -9.39 -0.37
C SER B 227 1.23 -9.79 -0.03
N LYS B 228 0.73 -9.34 1.12
CA LYS B 228 -0.63 -9.70 1.51
C LYS B 228 -1.61 -9.07 0.52
N LEU B 229 -1.32 -7.83 0.11
CA LEU B 229 -2.16 -7.15 -0.87
C LEU B 229 -2.17 -7.92 -2.18
N LEU B 230 -0.99 -8.26 -2.70
CA LEU B 230 -0.96 -9.01 -3.94
C LEU B 230 -1.60 -10.39 -3.76
N GLY B 231 -1.43 -11.00 -2.58
CA GLY B 231 -1.99 -12.29 -2.25
C GLY B 231 -3.50 -12.31 -2.28
N LYS B 232 -4.12 -11.15 -2.18
CA LYS B 232 -5.59 -11.10 -2.21
C LYS B 232 -6.16 -11.44 -3.58
N LEU B 233 -5.35 -11.40 -4.64
CA LEU B 233 -5.82 -11.67 -5.99
C LEU B 233 -6.20 -13.15 -6.24
N PRO B 234 -5.42 -14.11 -5.75
CA PRO B 234 -5.82 -15.53 -5.97
C PRO B 234 -7.05 -15.88 -5.16
N GLU B 235 -7.20 -15.24 -4.00
CA GLU B 235 -8.37 -15.44 -3.16
C GLU B 235 -9.58 -14.99 -3.97
N LEU B 236 -9.37 -13.89 -4.68
CA LEU B 236 -10.37 -13.28 -5.53
C LEU B 236 -10.75 -14.28 -6.62
N ARG B 237 -9.76 -15.03 -7.12
CA ARG B 237 -10.01 -16.02 -8.17
C ARG B 237 -10.86 -17.17 -7.64
N THR B 238 -10.60 -17.64 -6.42
CA THR B 238 -11.44 -18.70 -5.86
C THR B 238 -12.89 -18.21 -5.72
N LEU B 239 -12.99 -16.89 -5.31
CA LEU B 239 -14.36 -16.41 -5.06
C LEU B 239 -15.09 -16.32 -6.39
N CYS B 240 -14.30 -16.20 -7.46
CA CYS B 240 -14.85 -16.07 -8.65
C CYS B 240 -15.26 -17.32 -9.21
N THR B 241 -14.40 -18.33 -9.08
CA THR B 241 -14.76 -19.62 -9.63
C THR B 241 -15.99 -20.08 -8.87
N GLN B 242 -16.29 -19.64 -7.49
CA GLN B 242 -17.50 -19.97 -6.76
C GLN B 242 -18.68 -19.25 -7.37
N GLY B 243 -18.42 -18.12 -8.02
CA GLY B 243 -19.49 -17.42 -8.69
C GLY B 243 -19.92 -18.25 -9.89
N LEU B 244 -18.95 -18.91 -10.51
CA LEU B 244 -19.25 -19.76 -11.66
C LEU B 244 -20.03 -20.99 -11.20
N GLN B 245 -19.65 -21.55 -10.06
CA GLN B 245 -20.41 -22.70 -9.55
C GLN B 245 -21.86 -22.30 -9.34
N ARG B 246 -22.06 -21.10 -8.77
CA ARG B 246 -23.42 -20.63 -8.56
C ARG B 246 -24.17 -20.51 -9.87
N ILE B 247 -23.54 -19.94 -10.88
CA ILE B 247 -24.20 -19.80 -12.17
C ILE B 247 -24.53 -21.16 -12.78
N PHE B 248 -23.64 -22.14 -12.58
CA PHE B 248 -23.90 -23.47 -13.13
C PHE B 248 -25.13 -24.07 -12.45
N TYR B 249 -25.20 -23.94 -11.13
CA TYR B 249 -26.37 -24.44 -10.41
C TYR B 249 -27.63 -23.80 -10.95
N LEU B 250 -27.66 -22.46 -11.00
CA LEU B 250 -28.84 -21.75 -11.47
C LEU B 250 -29.20 -22.09 -12.92
N LYS B 251 -28.21 -22.41 -13.74
CA LYS B 251 -28.52 -22.75 -15.13
C LYS B 251 -29.09 -24.15 -15.26
N LEU B 252 -28.64 -25.07 -14.39
CA LEU B 252 -29.16 -26.44 -14.47
C LEU B 252 -30.54 -26.47 -13.85
N GLU B 253 -30.83 -25.54 -12.95
CA GLU B 253 -32.14 -25.46 -12.34
C GLU B 253 -33.17 -25.05 -13.39
N ASP B 254 -32.75 -24.23 -14.35
CA ASP B 254 -33.60 -23.78 -15.45
C ASP B 254 -34.91 -23.17 -14.97
N LEU B 255 -34.85 -22.47 -13.86
CA LEU B 255 -35.99 -21.79 -13.27
C LEU B 255 -36.11 -20.39 -13.84
N VAL B 256 -34.97 -19.80 -14.17
CA VAL B 256 -34.84 -18.47 -14.75
C VAL B 256 -33.53 -18.51 -15.54
N PRO B 257 -33.64 -18.79 -16.83
CA PRO B 257 -32.48 -18.87 -17.71
C PRO B 257 -31.60 -17.63 -17.65
N PRO B 258 -30.29 -17.81 -17.61
CA PRO B 258 -29.40 -16.66 -17.56
C PRO B 258 -29.44 -15.90 -18.87
N PRO B 259 -29.32 -14.58 -18.84
CA PRO B 259 -29.36 -13.80 -20.08
C PRO B 259 -28.18 -14.09 -20.98
N ALA B 260 -28.36 -13.77 -22.27
CA ALA B 260 -27.30 -14.03 -23.24
C ALA B 260 -25.99 -13.46 -22.74
N ILE B 261 -26.05 -12.29 -22.11
CA ILE B 261 -24.85 -11.67 -21.58
C ILE B 261 -24.20 -12.61 -20.58
N ILE B 262 -25.01 -13.27 -19.74
CA ILE B 262 -24.43 -14.17 -18.76
C ILE B 262 -24.11 -15.54 -19.36
N ASP B 263 -24.86 -16.05 -20.34
CA ASP B 263 -24.44 -17.33 -20.90
C ASP B 263 -23.07 -17.18 -21.56
N LYS B 264 -22.86 -16.03 -22.20
CA LYS B 264 -21.58 -15.78 -22.82
C LYS B 264 -20.52 -15.59 -21.75
N LEU B 265 -20.81 -14.79 -20.72
CA LEU B 265 -19.83 -14.61 -19.65
C LEU B 265 -19.40 -15.96 -19.08
N PHE B 266 -20.39 -16.83 -18.81
CA PHE B 266 -20.08 -18.15 -18.26
C PHE B 266 -19.12 -18.91 -19.17
N LEU B 267 -19.34 -18.82 -20.50
CA LEU B 267 -18.47 -19.58 -21.40
C LEU B 267 -17.09 -18.94 -21.60
N ASP B 268 -17.03 -17.61 -21.63
CA ASP B 268 -15.76 -16.90 -21.81
C ASP B 268 -14.88 -16.93 -20.57
N THR B 269 -15.48 -16.91 -19.39
CA THR B 269 -14.75 -16.91 -18.13
C THR B 269 -14.26 -18.29 -17.74
N LEU B 270 -14.89 -19.35 -18.22
CA LEU B 270 -14.47 -20.68 -17.88
C LEU B 270 -12.98 -20.86 -18.22
N PRO B 271 -12.12 -21.11 -17.24
CA PRO B 271 -10.69 -21.29 -17.53
C PRO B 271 -10.38 -22.37 -18.57
N PHE B 272 -11.36 -23.16 -19.00
CA PHE B 272 -11.13 -24.21 -20.00
C PHE B 272 -12.24 -24.23 -21.05
N SER C 37 11.35 -40.62 17.92
CA SER C 37 10.16 -39.97 17.38
C SER C 37 10.55 -38.58 16.83
N LEU C 38 10.99 -37.70 17.73
CA LEU C 38 11.42 -36.35 17.34
C LEU C 38 12.61 -36.37 16.39
N ILE C 39 13.64 -37.17 16.71
CA ILE C 39 14.81 -37.19 15.84
C ILE C 39 14.45 -37.52 14.40
N SER C 40 13.54 -38.48 14.17
CA SER C 40 13.19 -38.77 12.79
C SER C 40 12.60 -37.55 12.10
N ALA C 41 11.64 -36.89 12.72
CA ALA C 41 11.05 -35.69 12.11
C ALA C 41 12.07 -34.57 11.91
N LEU C 42 12.93 -34.35 12.90
CA LEU C 42 13.95 -33.30 12.81
C LEU C 42 14.95 -33.60 11.71
N VAL C 43 15.32 -34.87 11.55
CA VAL C 43 16.26 -35.21 10.51
C VAL C 43 15.59 -35.01 9.17
N ARG C 44 14.32 -35.40 9.07
CA ARG C 44 13.64 -35.18 7.81
C ARG C 44 13.61 -33.69 7.49
N ALA C 45 13.26 -32.86 8.47
CA ALA C 45 13.25 -31.42 8.26
C ALA C 45 14.59 -30.91 7.74
N HIS C 46 15.67 -31.33 8.41
CA HIS C 46 17.00 -30.91 7.97
C HIS C 46 17.31 -31.37 6.56
N VAL C 47 17.19 -32.67 6.31
CA VAL C 47 17.50 -33.22 5.00
C VAL C 47 16.68 -32.54 3.92
N ASP C 48 15.37 -32.41 4.13
CA ASP C 48 14.48 -31.79 3.15
C ASP C 48 14.74 -30.32 2.96
N SER C 49 15.36 -29.66 3.93
CA SER C 49 15.65 -28.24 3.83
C SER C 49 17.09 -27.96 3.42
N ASN C 50 17.84 -28.98 3.01
CA ASN C 50 19.21 -28.76 2.61
C ASN C 50 19.49 -29.29 1.21
N PRO C 51 20.40 -28.64 0.47
CA PRO C 51 20.69 -29.09 -0.89
C PRO C 51 21.54 -30.36 -0.89
N ALA C 52 21.19 -31.28 -1.78
CA ALA C 52 21.93 -32.53 -1.91
C ALA C 52 23.33 -32.27 -2.45
N MET C 53 24.31 -32.98 -1.88
CA MET C 53 25.69 -32.81 -2.30
C MET C 53 25.93 -33.25 -3.73
N THR C 54 24.85 -33.59 -4.45
CA THR C 54 24.96 -34.02 -5.83
C THR C 54 24.15 -33.12 -6.76
N SER C 55 23.74 -31.95 -6.29
CA SER C 55 22.97 -31.01 -7.10
C SER C 55 23.51 -29.60 -6.98
N LEU C 56 24.76 -29.46 -6.55
CA LEU C 56 25.35 -28.14 -6.38
C LEU C 56 25.65 -27.52 -7.73
N ASP C 57 25.48 -26.21 -7.83
CA ASP C 57 25.79 -25.48 -9.06
C ASP C 57 27.08 -24.70 -8.83
N TYR C 58 28.13 -25.06 -9.54
CA TYR C 58 29.40 -24.39 -9.43
C TYR C 58 29.55 -23.39 -10.56
N SER C 59 28.50 -23.25 -11.37
CA SER C 59 28.48 -22.36 -12.51
C SER C 59 28.98 -20.97 -12.13
N ARG C 60 28.84 -20.57 -10.88
CA ARG C 60 29.28 -19.26 -10.40
C ARG C 60 30.50 -19.33 -9.49
N PHE C 61 31.13 -20.50 -9.35
CA PHE C 61 32.30 -20.63 -8.50
C PHE C 61 33.52 -20.10 -9.24
N GLN C 62 34.29 -19.27 -8.53
CA GLN C 62 35.49 -18.63 -9.05
C GLN C 62 36.43 -18.36 -7.88
N ALA C 63 37.49 -19.15 -7.78
CA ALA C 63 38.45 -19.00 -6.71
C ALA C 63 39.73 -18.35 -7.21
N ASN C 64 39.88 -18.21 -8.51
CA ASN C 64 41.06 -17.56 -9.06
C ASN C 64 41.01 -16.12 -8.57
N PRO C 65 42.08 -15.59 -7.97
CA PRO C 65 41.99 -14.27 -7.31
C PRO C 65 41.57 -13.13 -8.21
N ASP C 66 42.12 -13.06 -9.43
CA ASP C 66 41.82 -11.97 -10.36
C ASP C 66 40.34 -11.74 -10.61
N ASP C 73 31.34 -3.58 -6.67
CA ASP C 73 31.08 -3.66 -5.23
C ASP C 73 29.58 -3.64 -4.97
N THR C 74 28.87 -2.83 -5.75
CA THR C 74 27.43 -2.76 -5.63
C THR C 74 26.81 -4.13 -5.91
N GLN C 75 27.40 -4.83 -6.89
CA GLN C 75 26.95 -6.15 -7.32
C GLN C 75 27.13 -7.17 -6.21
N HIS C 76 28.24 -7.07 -5.47
CA HIS C 76 28.49 -8.01 -4.38
C HIS C 76 27.50 -7.79 -3.23
N ILE C 77 27.19 -6.53 -2.93
CA ILE C 77 26.24 -6.24 -1.87
C ILE C 77 24.86 -6.76 -2.25
N GLN C 78 24.42 -6.50 -3.49
CA GLN C 78 23.12 -7.01 -3.91
C GLN C 78 23.11 -8.53 -3.84
N GLN C 79 24.25 -9.16 -4.18
CA GLN C 79 24.35 -10.60 -4.11
C GLN C 79 24.22 -11.08 -2.67
N PHE C 80 24.83 -10.35 -1.74
CA PHE C 80 24.76 -10.68 -0.32
C PHE C 80 23.31 -10.64 0.17
N TYR C 81 22.58 -9.57 -0.17
CA TYR C 81 21.19 -9.49 0.26
C TYR C 81 20.36 -10.62 -0.34
N ASP C 82 20.61 -10.94 -1.61
CA ASP C 82 19.83 -12.01 -2.24
C ASP C 82 20.12 -13.35 -1.58
N LEU C 83 21.40 -13.64 -1.27
CA LEU C 83 21.73 -14.91 -0.64
C LEU C 83 21.03 -15.03 0.71
N LEU C 84 20.89 -13.90 1.39
CA LEU C 84 20.21 -13.94 2.68
C LEU C 84 18.73 -14.20 2.51
N THR C 85 18.06 -13.46 1.64
CA THR C 85 16.63 -13.72 1.53
C THR C 85 16.32 -15.12 0.98
N GLY C 86 17.14 -15.66 0.06
CA GLY C 86 16.81 -17.00 -0.42
C GLY C 86 17.01 -18.06 0.64
N SER C 87 17.89 -17.78 1.61
CA SER C 87 18.08 -18.79 2.64
C SER C 87 17.10 -18.55 3.76
N MET C 88 16.57 -17.32 3.84
CA MET C 88 15.49 -17.00 4.75
C MET C 88 14.24 -17.79 4.39
N GLU C 89 13.87 -17.80 3.11
CA GLU C 89 12.69 -18.59 2.73
C GLU C 89 12.95 -20.09 2.92
N ILE C 90 14.15 -20.56 2.56
CA ILE C 90 14.45 -21.98 2.73
C ILE C 90 14.34 -22.40 4.20
N ILE C 91 15.01 -21.65 5.09
CA ILE C 91 14.97 -21.98 6.50
C ILE C 91 13.58 -21.83 7.09
N ARG C 92 12.76 -20.89 6.61
CA ARG C 92 11.41 -20.85 7.17
C ARG C 92 10.68 -22.12 6.80
N GLY C 93 10.83 -22.56 5.54
CA GLY C 93 10.20 -23.81 5.15
C GLY C 93 10.64 -24.92 6.09
N TRP C 94 11.94 -24.98 6.37
CA TRP C 94 12.47 -25.98 7.30
C TRP C 94 11.76 -25.91 8.65
N ALA C 95 11.68 -24.71 9.22
CA ALA C 95 11.06 -24.50 10.52
C ALA C 95 9.61 -24.99 10.56
N GLU C 96 8.86 -24.75 9.50
CA GLU C 96 7.46 -25.17 9.50
C GLU C 96 7.29 -26.68 9.56
N LYS C 97 8.37 -27.45 9.33
CA LYS C 97 8.35 -28.90 9.37
C LYS C 97 8.81 -29.46 10.71
N ILE C 98 9.07 -28.62 11.71
CA ILE C 98 9.51 -29.06 13.03
C ILE C 98 8.27 -29.40 13.86
N PRO C 99 8.07 -30.66 14.25
CA PRO C 99 6.92 -31.07 15.05
C PRO C 99 6.59 -30.14 16.22
N GLY C 100 5.41 -29.53 16.21
CA GLY C 100 5.02 -28.65 17.30
C GLY C 100 5.08 -27.18 16.96
N PHE C 101 6.10 -26.78 16.20
CA PHE C 101 6.23 -25.37 15.84
C PHE C 101 4.92 -24.80 15.32
N ALA C 102 4.31 -25.49 14.37
CA ALA C 102 3.07 -25.03 13.79
C ALA C 102 1.91 -25.04 14.76
N ASP C 103 2.10 -25.42 16.03
CA ASP C 103 0.99 -25.41 16.96
C ASP C 103 0.99 -24.17 17.85
N LEU C 104 2.13 -23.52 18.02
CA LEU C 104 2.20 -22.30 18.82
C LEU C 104 1.48 -21.19 18.06
N PRO C 105 1.04 -20.14 18.75
CA PRO C 105 0.36 -19.05 18.03
C PRO C 105 1.28 -18.53 16.95
N LYS C 106 0.73 -18.32 15.75
CA LYS C 106 1.54 -17.83 14.64
C LYS C 106 2.36 -16.60 14.99
N ALA C 107 1.95 -15.83 16.00
CA ALA C 107 2.71 -14.66 16.39
C ALA C 107 4.01 -15.10 17.05
N ASP C 108 3.91 -16.04 17.99
CA ASP C 108 5.10 -16.55 18.67
C ASP C 108 5.99 -17.25 17.66
N GLN C 109 5.38 -17.96 16.71
CA GLN C 109 6.14 -18.64 15.67
C GLN C 109 7.01 -17.62 14.96
N ASP C 110 6.36 -16.56 14.44
CA ASP C 110 7.09 -15.50 13.76
C ASP C 110 8.18 -14.93 14.65
N LEU C 111 7.90 -14.75 15.95
CA LEU C 111 8.88 -14.18 16.87
C LEU C 111 10.11 -15.07 17.01
N LEU C 112 9.92 -16.38 17.10
CA LEU C 112 11.05 -17.28 17.26
C LEU C 112 11.86 -17.34 15.97
N PHE C 113 11.17 -17.39 14.85
CA PHE C 113 11.86 -17.45 13.56
C PHE C 113 12.66 -16.18 13.34
N GLU C 114 12.01 -15.02 13.51
CA GLU C 114 12.67 -13.74 13.31
C GLU C 114 13.88 -13.57 14.22
N SER C 115 13.79 -14.08 15.46
CA SER C 115 14.92 -13.93 16.38
C SER C 115 16.05 -14.92 16.11
N ALA C 116 15.77 -16.03 15.44
CA ALA C 116 16.83 -17.02 15.23
C ALA C 116 17.33 -17.15 13.79
N PHE C 117 16.68 -16.52 12.81
CA PHE C 117 17.13 -16.68 11.43
C PHE C 117 18.63 -16.55 11.24
N LEU C 118 19.23 -15.48 11.73
CA LEU C 118 20.67 -15.33 11.55
C LEU C 118 21.43 -16.50 12.17
N GLU C 119 21.02 -16.95 13.35
CA GLU C 119 21.72 -18.07 13.97
C GLU C 119 21.60 -19.31 13.12
N LEU C 120 20.39 -19.58 12.63
CA LEU C 120 20.17 -20.75 11.78
C LEU C 120 20.97 -20.66 10.48
N PHE C 121 21.01 -19.47 9.88
CA PHE C 121 21.75 -19.26 8.64
C PHE C 121 23.22 -19.55 8.81
N VAL C 122 23.83 -18.95 9.84
CA VAL C 122 25.25 -19.18 10.07
C VAL C 122 25.52 -20.63 10.42
N LEU C 123 24.69 -21.22 11.27
CA LEU C 123 24.92 -22.61 11.67
C LEU C 123 24.80 -23.56 10.49
N ARG C 124 23.77 -23.41 9.67
CA ARG C 124 23.60 -24.31 8.54
C ARG C 124 24.68 -24.09 7.49
N LEU C 125 25.08 -22.83 7.27
CA LEU C 125 26.12 -22.56 6.29
C LEU C 125 27.44 -23.16 6.74
N ALA C 126 27.77 -23.02 8.02
CA ALA C 126 29.01 -23.57 8.55
C ALA C 126 28.99 -25.08 8.50
N TYR C 127 27.83 -25.68 8.81
CA TYR C 127 27.73 -27.13 8.84
C TYR C 127 27.90 -27.74 7.46
N ARG C 128 27.30 -27.14 6.42
CA ARG C 128 27.40 -27.73 5.08
C ARG C 128 28.61 -27.24 4.27
N SER C 129 29.23 -26.13 4.64
CA SER C 129 30.36 -25.59 3.89
C SER C 129 31.63 -26.44 4.08
N ASN C 130 32.67 -26.07 3.32
CA ASN C 130 33.98 -26.72 3.34
C ASN C 130 35.04 -25.73 3.79
N PRO C 131 35.21 -25.56 5.08
CA PRO C 131 36.21 -24.61 5.60
C PRO C 131 37.56 -24.73 4.89
N VAL C 132 38.20 -25.89 5.00
CA VAL C 132 39.51 -26.14 4.41
C VAL C 132 39.62 -25.58 2.99
N GLU C 133 38.67 -25.91 2.11
CA GLU C 133 38.72 -25.42 0.74
C GLU C 133 38.09 -24.04 0.55
N GLY C 134 37.62 -23.41 1.62
CA GLY C 134 37.02 -22.10 1.45
C GLY C 134 35.80 -22.11 0.55
N LYS C 135 35.00 -23.19 0.60
CA LYS C 135 33.80 -23.32 -0.21
C LYS C 135 32.54 -23.16 0.64
N LEU C 136 31.85 -22.04 0.46
CA LEU C 136 30.59 -21.76 1.16
C LEU C 136 29.44 -22.32 0.34
N ILE C 137 28.61 -23.14 0.97
CA ILE C 137 27.45 -23.76 0.35
C ILE C 137 26.22 -23.20 1.05
N PHE C 138 25.36 -22.52 0.29
CA PHE C 138 24.20 -21.90 0.88
C PHE C 138 22.97 -22.80 0.84
N CYS C 139 21.88 -22.29 1.44
CA CYS C 139 20.67 -23.08 1.64
C CYS C 139 19.99 -23.46 0.35
N ASN C 140 20.66 -23.16 -0.78
CA ASN C 140 20.08 -23.36 -2.10
C ASN C 140 21.00 -24.11 -3.06
N GLY C 141 22.15 -24.60 -2.60
CA GLY C 141 23.05 -25.35 -3.46
C GLY C 141 24.16 -24.55 -4.11
N VAL C 142 24.12 -23.22 -4.03
CA VAL C 142 25.15 -22.37 -4.64
C VAL C 142 26.47 -22.53 -3.90
N VAL C 143 27.57 -22.63 -4.66
CA VAL C 143 28.91 -22.76 -4.09
C VAL C 143 29.66 -21.47 -4.41
N LEU C 144 30.23 -20.84 -3.38
CA LEU C 144 30.97 -19.59 -3.52
C LEU C 144 32.31 -19.69 -2.80
N HIS C 145 33.35 -19.09 -3.39
CA HIS C 145 34.62 -19.13 -2.70
C HIS C 145 34.66 -18.03 -1.64
N ARG C 146 35.48 -18.23 -0.61
CA ARG C 146 35.62 -17.24 0.45
C ARG C 146 35.94 -15.87 -0.12
N LEU C 147 36.90 -15.82 -1.04
CA LEU C 147 37.33 -14.57 -1.64
C LEU C 147 36.17 -13.81 -2.30
N GLN C 148 35.18 -14.53 -2.82
CA GLN C 148 34.06 -13.82 -3.44
C GLN C 148 33.11 -13.31 -2.38
N CYS C 149 33.01 -14.02 -1.27
CA CYS C 149 32.11 -13.63 -0.20
C CYS C 149 32.64 -12.45 0.59
N VAL C 150 33.96 -12.32 0.74
CA VAL C 150 34.48 -11.23 1.55
C VAL C 150 34.03 -9.85 1.07
N ARG C 151 33.72 -9.70 -0.22
CA ARG C 151 33.32 -8.38 -0.71
C ARG C 151 31.89 -8.01 -0.33
N GLY C 152 31.06 -8.99 -0.05
CA GLY C 152 29.69 -8.75 0.34
C GLY C 152 29.49 -8.87 1.84
N PHE C 153 30.00 -9.96 2.41
CA PHE C 153 29.86 -10.24 3.83
C PHE C 153 30.77 -9.41 4.75
N GLY C 154 31.96 -8.97 4.31
CA GLY C 154 32.79 -8.25 5.25
C GLY C 154 33.55 -9.30 6.04
N GLU C 155 34.29 -8.84 7.06
CA GLU C 155 35.05 -9.79 7.87
C GLU C 155 34.17 -10.87 8.48
N TRP C 156 32.86 -10.62 8.59
CA TRP C 156 31.99 -11.64 9.16
C TRP C 156 32.08 -12.94 8.40
N ILE C 157 32.44 -12.91 7.11
CA ILE C 157 32.53 -14.19 6.42
C ILE C 157 33.73 -14.96 6.96
N ASP C 158 34.75 -14.24 7.38
CA ASP C 158 35.93 -14.88 7.94
C ASP C 158 35.58 -15.51 9.28
N SER C 159 34.73 -14.80 10.03
CA SER C 159 34.33 -15.36 11.33
C SER C 159 33.42 -16.56 11.14
N ILE C 160 32.70 -16.58 10.01
CA ILE C 160 31.81 -17.71 9.76
C ILE C 160 32.63 -18.91 9.35
N VAL C 161 33.63 -18.72 8.48
CA VAL C 161 34.48 -19.84 8.08
C VAL C 161 35.21 -20.42 9.28
N GLU C 162 35.69 -19.57 10.19
CA GLU C 162 36.38 -20.09 11.37
C GLU C 162 35.41 -20.91 12.22
N PHE C 163 34.22 -20.37 12.46
CA PHE C 163 33.24 -21.12 13.25
C PHE C 163 32.93 -22.44 12.57
N SER C 164 32.84 -22.45 11.24
CA SER C 164 32.54 -23.67 10.52
C SER C 164 33.67 -24.68 10.70
N SER C 165 34.91 -24.20 10.77
CA SER C 165 36.02 -25.13 10.95
C SER C 165 35.92 -25.78 12.32
N ASN C 166 35.73 -24.97 13.36
CA ASN C 166 35.63 -25.54 14.70
C ASN C 166 34.42 -26.47 14.83
N LEU C 167 33.29 -26.10 14.22
CA LEU C 167 32.11 -26.94 14.32
C LEU C 167 32.34 -28.29 13.65
N GLN C 168 32.98 -28.31 12.48
CA GLN C 168 33.19 -29.58 11.79
C GLN C 168 34.31 -30.40 12.44
N ASN C 169 35.30 -29.75 13.04
CA ASN C 169 36.38 -30.50 13.69
C ASN C 169 35.90 -31.31 14.88
N MET C 170 34.60 -31.37 15.16
CA MET C 170 34.07 -32.22 16.22
C MET C 170 33.03 -33.21 15.73
N ASN C 171 32.78 -33.28 14.42
CA ASN C 171 32.11 -34.42 13.77
C ASN C 171 30.72 -34.69 14.36
N ILE C 172 29.88 -33.67 14.28
CA ILE C 172 28.51 -33.75 14.78
C ILE C 172 27.64 -34.48 13.76
N ASP C 173 26.93 -35.51 14.21
CA ASP C 173 26.10 -36.24 13.27
C ASP C 173 24.80 -35.47 13.03
N ILE C 174 24.10 -35.85 11.96
CA ILE C 174 22.88 -35.14 11.57
C ILE C 174 21.87 -35.05 12.70
N SER C 175 21.67 -36.13 13.46
CA SER C 175 20.68 -36.08 14.54
C SER C 175 21.01 -35.01 15.58
N ALA C 176 22.26 -34.97 16.03
CA ALA C 176 22.63 -33.97 17.02
C ALA C 176 22.50 -32.57 16.45
N PHE C 177 22.93 -32.38 15.21
CA PHE C 177 22.80 -31.06 14.62
C PHE C 177 21.34 -30.67 14.46
N SER C 178 20.47 -31.64 14.11
CA SER C 178 19.06 -31.31 13.94
C SER C 178 18.44 -30.93 15.26
N CYS C 179 18.95 -31.47 16.35
CA CYS C 179 18.39 -31.12 17.65
C CYS C 179 18.88 -29.75 18.07
N ILE C 180 20.17 -29.50 17.92
CA ILE C 180 20.72 -28.20 18.28
C ILE C 180 20.04 -27.11 17.46
N ALA C 181 19.95 -27.32 16.14
CA ALA C 181 19.32 -26.36 15.26
C ALA C 181 17.90 -26.05 15.72
N ALA C 182 17.13 -27.09 16.05
CA ALA C 182 15.76 -26.85 16.51
C ALA C 182 15.74 -26.03 17.80
N LEU C 183 16.68 -26.32 18.70
CA LEU C 183 16.72 -25.57 19.95
C LEU C 183 17.16 -24.13 19.73
N ALA C 184 17.96 -23.90 18.70
CA ALA C 184 18.44 -22.55 18.40
C ALA C 184 17.30 -21.60 18.11
N MET C 185 16.20 -22.10 17.54
CA MET C 185 15.02 -21.26 17.35
C MET C 185 14.02 -21.42 18.49
N VAL C 186 13.71 -22.66 18.84
CA VAL C 186 12.71 -22.95 19.88
C VAL C 186 13.46 -22.92 21.21
N THR C 187 13.60 -21.71 21.73
CA THR C 187 14.31 -21.46 22.97
C THR C 187 13.60 -20.32 23.67
N GLU C 188 14.03 -20.04 24.90
CA GLU C 188 13.38 -18.99 25.67
C GLU C 188 13.55 -17.66 24.93
N ARG C 189 12.45 -16.92 24.81
CA ARG C 189 12.42 -15.64 24.13
C ARG C 189 11.41 -14.73 24.80
N HIS C 190 11.69 -13.43 24.79
CA HIS C 190 10.77 -12.48 25.37
C HIS C 190 9.68 -12.15 24.36
N GLY C 191 8.47 -11.92 24.87
CA GLY C 191 7.33 -11.59 24.05
C GLY C 191 6.50 -12.80 23.66
N LEU C 192 6.85 -13.98 24.14
CA LEU C 192 6.12 -15.22 23.85
C LEU C 192 4.83 -15.25 24.67
N LYS C 193 3.68 -15.24 24.00
CA LYS C 193 2.43 -15.28 24.75
C LYS C 193 2.32 -16.52 25.62
N GLU C 194 3.05 -17.58 25.28
CA GLU C 194 3.02 -18.82 26.07
C GLU C 194 4.42 -19.39 26.19
N PRO C 195 5.29 -18.75 27.00
CA PRO C 195 6.66 -19.26 27.16
C PRO C 195 6.70 -20.70 27.63
N LYS C 196 5.70 -21.12 28.40
CA LYS C 196 5.67 -22.50 28.88
C LYS C 196 5.47 -23.45 27.72
N ARG C 197 4.42 -23.22 26.91
CA ARG C 197 4.13 -24.06 25.75
C ARG C 197 5.31 -24.17 24.79
N VAL C 198 6.29 -23.28 24.89
CA VAL C 198 7.50 -23.29 24.05
C VAL C 198 8.61 -24.10 24.73
N GLU C 199 8.85 -23.79 26.01
CA GLU C 199 9.87 -24.51 26.76
C GLU C 199 9.52 -25.99 26.80
N GLU C 200 8.24 -26.32 26.56
CA GLU C 200 7.83 -27.72 26.54
C GLU C 200 8.53 -28.42 25.38
N LEU C 201 8.45 -27.80 24.20
CA LEU C 201 9.11 -28.36 23.02
C LEU C 201 10.61 -28.39 23.24
N GLN C 202 11.16 -27.26 23.66
CA GLN C 202 12.60 -27.16 23.92
C GLN C 202 13.06 -28.40 24.71
N ASN C 203 12.49 -28.58 25.90
CA ASN C 203 12.83 -29.71 26.77
C ASN C 203 12.68 -31.06 26.06
N LYS C 204 11.61 -31.23 25.28
CA LYS C 204 11.44 -32.50 24.58
C LYS C 204 12.64 -32.77 23.67
N ILE C 205 13.02 -31.78 22.88
CA ILE C 205 14.15 -31.91 21.97
C ILE C 205 15.44 -32.19 22.75
N VAL C 206 15.59 -31.53 23.90
CA VAL C 206 16.79 -31.72 24.72
C VAL C 206 16.88 -33.19 25.16
N ASN C 207 15.78 -33.74 25.67
CA ASN C 207 15.81 -35.13 26.10
C ASN C 207 16.13 -36.05 24.92
N CYS C 208 15.52 -35.78 23.76
CA CYS C 208 15.78 -36.57 22.57
C CYS C 208 17.29 -36.62 22.26
N LEU C 209 17.94 -35.45 22.28
CA LEU C 209 19.37 -35.40 22.01
C LEU C 209 20.17 -36.12 23.09
N LYS C 210 19.70 -36.04 24.35
CA LYS C 210 20.39 -36.72 25.43
C LYS C 210 20.40 -38.22 25.16
N ASP C 211 19.23 -38.77 24.85
CA ASP C 211 19.15 -40.21 24.59
C ASP C 211 19.96 -40.59 23.37
N HIS C 212 20.01 -39.74 22.34
CA HIS C 212 20.81 -40.12 21.17
C HIS C 212 22.29 -40.17 21.52
N VAL C 213 22.74 -39.24 22.36
CA VAL C 213 24.16 -39.17 22.74
C VAL C 213 24.57 -40.28 23.70
N THR C 214 23.65 -40.75 24.56
CA THR C 214 24.06 -41.81 25.50
C THR C 214 24.09 -43.20 24.87
N PHE C 215 22.98 -43.67 24.31
CA PHE C 215 22.94 -44.99 23.68
C PHE C 215 24.14 -45.24 22.77
N ASN C 221 27.83 -42.41 29.89
CA ASN C 221 27.97 -41.69 28.64
C ASN C 221 29.11 -40.68 28.68
N ARG C 222 28.98 -39.63 27.88
CA ARG C 222 29.96 -38.54 27.81
C ARG C 222 29.22 -37.21 27.97
N PRO C 223 29.24 -36.61 29.17
CA PRO C 223 28.59 -35.31 29.34
C PRO C 223 29.38 -34.14 28.76
N ASN C 224 30.71 -34.28 28.59
CA ASN C 224 31.52 -33.20 28.04
C ASN C 224 31.21 -32.94 26.58
N TYR C 225 30.58 -33.88 25.88
CA TYR C 225 30.28 -33.66 24.49
C TYR C 225 28.87 -33.13 24.34
N LEU C 226 27.95 -33.61 25.19
CA LEU C 226 26.60 -33.06 25.14
C LEU C 226 26.66 -31.60 25.55
N SER C 227 27.54 -31.29 26.53
CA SER C 227 27.67 -29.92 27.00
C SER C 227 28.44 -29.05 26.02
N LYS C 228 29.33 -29.62 25.21
CA LYS C 228 30.03 -28.76 24.25
C LYS C 228 29.09 -28.48 23.09
N LEU C 229 28.11 -29.37 22.94
CA LEU C 229 27.12 -29.23 21.90
C LEU C 229 26.19 -28.10 22.29
N LEU C 230 25.62 -28.16 23.49
CA LEU C 230 24.76 -27.05 23.87
C LEU C 230 25.59 -25.77 23.96
N GLY C 231 26.89 -25.90 24.27
CA GLY C 231 27.82 -24.78 24.37
C GLY C 231 28.09 -24.09 23.05
N LYS C 232 27.65 -24.70 21.95
CA LYS C 232 27.85 -24.14 20.62
C LYS C 232 26.83 -23.04 20.27
N LEU C 233 25.70 -22.96 21.01
CA LEU C 233 24.69 -21.95 20.72
C LEU C 233 25.16 -20.53 21.02
N PRO C 234 25.73 -20.22 22.19
CA PRO C 234 26.19 -18.84 22.44
C PRO C 234 27.24 -18.37 21.45
N GLU C 235 28.08 -19.28 20.96
CA GLU C 235 29.09 -18.91 19.98
C GLU C 235 28.37 -18.45 18.71
N LEU C 236 27.25 -19.12 18.43
CA LEU C 236 26.41 -18.80 17.29
C LEU C 236 25.85 -17.39 17.46
N ARG C 237 25.29 -17.10 18.64
CA ARG C 237 24.74 -15.78 18.89
C ARG C 237 25.78 -14.69 18.69
N THR C 238 27.04 -14.97 19.04
CA THR C 238 28.06 -13.93 18.82
C THR C 238 28.27 -13.74 17.32
N LEU C 239 27.92 -14.82 16.38
CA LEU C 239 28.13 -14.73 14.93
C LEU C 239 26.96 -13.96 14.31
N CYS C 240 25.84 -13.97 15.03
CA CYS C 240 24.76 -13.39 14.55
C CYS C 240 24.78 -11.97 14.77
N THR C 241 25.19 -11.58 15.96
CA THR C 241 25.27 -10.18 16.33
C THR C 241 26.36 -9.53 15.49
N GLN C 242 27.49 -10.22 15.37
CA GLN C 242 28.60 -9.73 14.57
C GLN C 242 28.08 -9.50 13.16
N GLY C 243 27.18 -10.37 12.73
CA GLY C 243 26.58 -10.27 11.41
C GLY C 243 25.73 -9.02 11.36
N LEU C 244 25.02 -8.77 12.46
CA LEU C 244 24.17 -7.59 12.56
C LEU C 244 25.03 -6.37 12.26
N GLN C 245 26.24 -6.36 12.82
CA GLN C 245 27.17 -5.26 12.59
C GLN C 245 27.37 -5.05 11.10
N ARG C 246 27.50 -6.15 10.35
CA ARG C 246 27.68 -6.04 8.91
C ARG C 246 26.49 -5.34 8.26
N ILE C 247 25.28 -5.70 8.69
CA ILE C 247 24.10 -5.08 8.10
C ILE C 247 24.02 -3.62 8.50
N PHE C 248 24.45 -3.28 9.71
CA PHE C 248 24.41 -1.89 10.13
C PHE C 248 25.37 -1.07 9.27
N TYR C 249 26.56 -1.60 9.01
CA TYR C 249 27.51 -0.87 8.15
C TYR C 249 26.95 -0.67 6.76
N LEU C 250 26.44 -1.73 6.13
CA LEU C 250 25.91 -1.54 4.79
C LEU C 250 24.76 -0.54 4.78
N LYS C 251 23.94 -0.54 5.84
CA LYS C 251 22.84 0.42 5.90
C LYS C 251 23.34 1.85 6.09
N LEU C 252 24.45 2.03 6.79
CA LEU C 252 25.01 3.37 7.03
C LEU C 252 25.69 3.90 5.78
N GLU C 253 26.43 3.05 5.09
CA GLU C 253 27.13 3.45 3.88
C GLU C 253 26.16 3.90 2.80
N ASP C 254 24.91 3.43 2.86
CA ASP C 254 23.86 3.76 1.90
C ASP C 254 24.38 3.63 0.48
N LEU C 255 25.34 2.73 0.33
CA LEU C 255 25.96 2.39 -0.94
C LEU C 255 24.99 1.55 -1.77
N VAL C 256 24.27 0.67 -1.09
CA VAL C 256 23.29 -0.26 -1.64
C VAL C 256 22.31 -0.50 -0.49
N PRO C 257 21.26 0.32 -0.37
CA PRO C 257 20.30 0.16 0.72
C PRO C 257 19.75 -1.25 0.83
N PRO C 258 19.55 -1.72 2.06
CA PRO C 258 19.00 -3.05 2.31
C PRO C 258 17.55 -3.11 1.86
N PRO C 259 17.09 -4.24 1.33
CA PRO C 259 15.69 -4.34 0.92
C PRO C 259 14.79 -4.27 2.15
N ALA C 260 13.49 -4.17 1.90
CA ALA C 260 12.55 -4.09 3.02
C ALA C 260 12.69 -5.29 3.94
N ILE C 261 12.72 -6.49 3.35
CA ILE C 261 12.82 -7.74 4.11
C ILE C 261 14.04 -7.72 5.01
N ILE C 262 15.15 -7.15 4.54
CA ILE C 262 16.34 -7.13 5.37
C ILE C 262 16.24 -6.07 6.46
N ASP C 263 15.54 -4.96 6.20
CA ASP C 263 15.41 -3.96 7.26
C ASP C 263 14.59 -4.53 8.39
N LYS C 264 13.49 -5.21 8.05
CA LYS C 264 12.67 -5.80 9.09
C LYS C 264 13.47 -6.86 9.83
N LEU C 265 14.18 -7.72 9.09
CA LEU C 265 15.01 -8.73 9.74
C LEU C 265 15.98 -8.09 10.74
N PHE C 266 16.63 -7.00 10.33
CA PHE C 266 17.56 -6.31 11.22
C PHE C 266 16.89 -5.86 12.51
N LEU C 267 15.80 -5.10 12.38
CA LEU C 267 15.12 -4.61 13.58
C LEU C 267 14.54 -5.73 14.43
N ASP C 268 13.93 -6.75 13.82
CA ASP C 268 13.37 -7.85 14.58
C ASP C 268 14.44 -8.67 15.30
N THR C 269 15.61 -8.82 14.69
CA THR C 269 16.71 -9.59 15.25
C THR C 269 17.48 -8.78 16.28
N LEU C 270 17.36 -7.46 16.20
CA LEU C 270 18.02 -6.55 17.10
C LEU C 270 17.65 -6.91 18.54
N PRO C 271 18.62 -7.01 19.46
CA PRO C 271 18.32 -7.36 20.85
C PRO C 271 17.37 -6.40 21.57
N PHE C 272 16.94 -5.32 20.91
CA PHE C 272 16.03 -4.38 21.53
C PHE C 272 15.10 -3.75 20.47
#